data_7F7I
#
_entry.id   7F7I
#
_cell.length_a   51.029
_cell.length_b   51.954
_cell.length_c   144.500
_cell.angle_alpha   91.780
_cell.angle_beta   91.430
_cell.angle_gamma   120.970
#
_symmetry.space_group_name_H-M   'P 1'
#
loop_
_entity.id
_entity.type
_entity.pdbx_description
1 polymer 'Disks large homolog 4'
2 polymer ACE-ARG-ILE-ARG-ARG-ASP-GLU-TYR-LEU-LYZ-ALA-ILE-GLN-NH2
3 water water
#
loop_
_entity_poly.entity_id
_entity_poly.type
_entity_poly.pdbx_seq_one_letter_code
_entity_poly.pdbx_strand_id
1 'polypeptide(L)'
;MHHHHHHSSGLEVLFQGPGSEFVHYARPIIILGPTKDRANDDLLSEFPDKFGSCVPHTTRPKREYEIDGRDYHFVSSREK
MEKDIQAHKFIEAGQYNSHLYGTSVQSVREVAEQGKHCILDVSANAVRRLQAAHLHPIAIFIRPRSLENVLEINKRITEE
QARKAFDRATKLEQEFTECFSAIVEGDSFEEIYHKVKRVIEDLSG
;
A,B,C,D,E,F
2 'polypeptide(L)' (ACE)RIRRDEYL(LYZ)AIQ(NH2) G,H,I,J,K,L
#
# COMPACT_ATOMS: atom_id res chain seq x y z
N HIS A 24 -15.13 -20.19 -10.43
CA HIS A 24 -15.11 -21.25 -9.41
C HIS A 24 -13.67 -21.70 -9.16
N TYR A 25 -12.85 -21.74 -10.20
CA TYR A 25 -11.41 -21.98 -10.02
C TYR A 25 -10.64 -21.09 -10.99
N ALA A 26 -9.70 -20.33 -10.43
CA ALA A 26 -8.88 -19.40 -11.17
C ALA A 26 -7.40 -19.72 -10.98
N ARG A 27 -6.67 -19.70 -12.08
CA ARG A 27 -5.30 -20.21 -12.08
C ARG A 27 -4.35 -19.17 -11.52
N PRO A 28 -3.41 -19.56 -10.67
CA PRO A 28 -2.44 -18.59 -10.16
C PRO A 28 -1.58 -18.09 -11.30
N ILE A 29 -1.15 -16.83 -11.17
CA ILE A 29 -0.41 -16.13 -12.21
C ILE A 29 0.96 -15.75 -11.68
N ILE A 30 1.99 -16.04 -12.47
CA ILE A 30 3.37 -15.63 -12.19
C ILE A 30 3.88 -14.93 -13.43
N ILE A 31 4.17 -13.64 -13.31
CA ILE A 31 4.70 -12.86 -14.42
C ILE A 31 6.20 -12.81 -14.25
N LEU A 32 6.94 -13.09 -15.31
CA LEU A 32 8.39 -13.16 -15.20
C LEU A 32 9.04 -12.25 -16.24
N GLY A 33 10.23 -11.77 -15.92
CA GLY A 33 10.93 -10.85 -16.77
C GLY A 33 10.86 -9.43 -16.23
N PRO A 34 11.50 -8.49 -16.92
CA PRO A 34 11.46 -7.09 -16.46
C PRO A 34 10.05 -6.54 -16.45
N THR A 35 9.82 -5.56 -15.58
CA THR A 35 8.55 -4.86 -15.44
C THR A 35 7.44 -5.72 -14.81
N LYS A 36 7.75 -6.97 -14.41
CA LYS A 36 6.74 -7.88 -13.89
C LYS A 36 6.03 -7.33 -12.67
N ASP A 37 6.79 -6.72 -11.74
CA ASP A 37 6.22 -6.27 -10.47
C ASP A 37 5.14 -5.23 -10.70
N ARG A 38 5.38 -4.34 -11.65
CA ARG A 38 4.45 -3.29 -11.99
C ARG A 38 3.24 -3.84 -12.76
N ALA A 39 3.46 -4.85 -13.61
CA ALA A 39 2.33 -5.54 -14.22
C ALA A 39 1.45 -6.15 -13.14
N ASN A 40 2.08 -6.80 -12.15
CA ASN A 40 1.35 -7.30 -11.01
C ASN A 40 0.60 -6.17 -10.31
N ASP A 41 1.29 -5.06 -10.02
CA ASP A 41 0.65 -3.97 -9.30
C ASP A 41 -0.55 -3.41 -10.07
N ASP A 42 -0.37 -3.18 -11.39
CA ASP A 42 -1.43 -2.50 -12.13
C ASP A 42 -2.63 -3.40 -12.37
N LEU A 43 -2.39 -4.71 -12.57
CA LEU A 43 -3.48 -5.67 -12.70
C LEU A 43 -4.21 -5.83 -11.37
N LEU A 44 -3.45 -5.99 -10.28
CA LEU A 44 -4.02 -5.93 -8.93
C LEU A 44 -4.80 -4.64 -8.71
N SER A 45 -4.22 -3.51 -9.14
CA SER A 45 -4.84 -2.21 -8.94
C SER A 45 -6.00 -1.94 -9.90
N GLU A 46 -6.15 -2.73 -10.97
CA GLU A 46 -7.20 -2.46 -11.95
C GLU A 46 -8.43 -3.33 -11.76
N PHE A 47 -8.27 -4.59 -11.37
CA PHE A 47 -9.39 -5.48 -11.11
C PHE A 47 -9.28 -5.98 -9.67
N PRO A 48 -9.62 -5.15 -8.69
CA PRO A 48 -9.60 -5.63 -7.30
C PRO A 48 -10.35 -6.94 -7.11
N ASP A 49 -11.49 -7.13 -7.80
CA ASP A 49 -12.32 -8.29 -7.54
C ASP A 49 -11.75 -9.58 -8.10
N LYS A 50 -10.88 -9.51 -9.10
CA LYS A 50 -10.46 -10.72 -9.82
C LYS A 50 -9.20 -11.42 -9.29
N PHE A 51 -8.31 -10.66 -8.67
CA PHE A 51 -7.00 -11.15 -8.27
C PHE A 51 -6.91 -11.15 -6.75
N GLY A 52 -6.18 -12.12 -6.20
CA GLY A 52 -6.02 -12.24 -4.77
C GLY A 52 -4.59 -12.52 -4.38
N SER A 53 -4.37 -12.57 -3.08
CA SER A 53 -3.06 -12.81 -2.50
C SER A 53 -3.13 -13.98 -1.55
N CYS A 54 -2.09 -14.81 -1.56
CA CYS A 54 -2.02 -15.95 -0.67
C CYS A 54 -1.44 -15.53 0.67
N VAL A 55 -1.61 -16.38 1.68
CA VAL A 55 -1.15 -16.11 3.04
C VAL A 55 0.10 -16.94 3.32
N PRO A 56 1.16 -16.32 3.82
CA PRO A 56 2.41 -17.05 4.05
C PRO A 56 2.39 -17.78 5.38
N HIS A 57 3.36 -18.68 5.54
CA HIS A 57 3.57 -19.43 6.77
C HIS A 57 4.79 -18.93 7.53
N THR A 58 4.75 -19.13 8.84
CA THR A 58 5.86 -18.75 9.70
C THR A 58 5.91 -19.60 10.95
N THR A 59 7.11 -20.05 11.33
CA THR A 59 7.29 -20.83 12.54
C THR A 59 7.53 -19.89 13.73
N ARG A 60 7.70 -18.61 13.43
CA ARG A 60 7.91 -17.60 14.46
C ARG A 60 6.67 -17.43 15.32
N PRO A 61 6.91 -17.20 16.70
CA PRO A 61 5.68 -17.05 17.48
C PRO A 61 4.88 -15.82 17.05
N LYS A 62 3.56 -15.99 16.91
CA LYS A 62 2.69 -14.90 16.49
C LYS A 62 2.68 -13.76 17.49
N ARG A 63 2.59 -12.54 16.99
CA ARG A 63 2.54 -11.37 17.86
C ARG A 63 1.13 -11.13 18.37
N GLU A 64 1.01 -10.29 19.38
CA GLU A 64 -0.28 -10.01 20.01
C GLU A 64 -1.29 -9.44 19.02
N TYR A 65 -0.85 -8.48 18.20
CA TYR A 65 -1.75 -7.83 17.26
C TYR A 65 -1.65 -8.46 15.88
N GLU A 66 -0.90 -9.54 15.79
CA GLU A 66 -0.87 -10.35 14.59
C GLU A 66 -2.04 -11.32 14.64
N ILE A 67 -2.55 -11.67 13.47
CA ILE A 67 -3.71 -12.55 13.37
C ILE A 67 -3.36 -13.75 12.51
N ASP A 68 -3.48 -14.93 13.09
CA ASP A 68 -3.24 -16.19 12.40
C ASP A 68 -4.29 -16.38 11.32
N GLY A 69 -3.86 -16.90 10.17
CA GLY A 69 -4.73 -17.02 9.03
C GLY A 69 -4.85 -15.76 8.22
N ARG A 70 -4.42 -14.61 8.76
CA ARG A 70 -4.38 -13.37 8.00
C ARG A 70 -2.97 -12.84 7.81
N ASP A 71 -2.21 -12.62 8.90
CA ASP A 71 -0.83 -12.19 8.71
C ASP A 71 0.02 -13.37 8.27
N TYR A 72 -0.12 -14.49 8.96
CA TYR A 72 0.59 -15.71 8.60
C TYR A 72 -0.17 -16.89 9.16
N HIS A 73 -0.05 -18.05 8.51
CA HIS A 73 -0.42 -19.26 9.22
C HIS A 73 0.76 -19.55 10.15
N PHE A 74 0.56 -19.37 11.45
CA PHE A 74 1.64 -19.52 12.41
C PHE A 74 1.79 -20.98 12.82
N VAL A 75 2.92 -21.58 12.45
CA VAL A 75 3.16 -22.96 12.83
C VAL A 75 3.79 -22.93 14.21
N SER A 76 3.09 -23.54 15.16
CA SER A 76 3.63 -23.66 16.50
C SER A 76 4.67 -24.76 16.55
N SER A 77 4.54 -25.77 15.69
CA SER A 77 5.49 -26.87 15.65
C SER A 77 6.42 -26.61 14.49
N ARG A 78 7.59 -26.03 14.82
CA ARG A 78 8.58 -25.74 13.80
C ARG A 78 9.07 -27.00 13.11
N GLU A 79 9.20 -28.09 13.88
CA GLU A 79 9.60 -29.36 13.29
C GLU A 79 8.65 -29.76 12.16
N LYS A 80 7.35 -29.54 12.34
CA LYS A 80 6.39 -29.91 11.30
C LYS A 80 6.62 -29.12 10.02
N MET A 81 6.90 -27.82 10.14
CA MET A 81 7.11 -27.04 8.92
C MET A 81 8.43 -27.40 8.24
N GLU A 82 9.48 -27.76 8.99
CA GLU A 82 10.70 -28.20 8.35
C GLU A 82 10.45 -29.47 7.56
N LYS A 83 9.74 -30.43 8.17
CA LYS A 83 9.41 -31.68 7.48
C LYS A 83 8.54 -31.44 6.27
N ASP A 84 7.59 -30.50 6.35
CA ASP A 84 6.71 -30.27 5.22
C ASP A 84 7.45 -29.63 4.06
N ILE A 85 8.40 -28.73 4.35
CA ILE A 85 9.24 -28.17 3.31
C ILE A 85 10.00 -29.29 2.59
N GLN A 86 10.51 -30.26 3.37
CA GLN A 86 11.18 -31.42 2.77
C GLN A 86 10.21 -32.36 2.07
N ALA A 87 8.92 -32.25 2.34
CA ALA A 87 7.90 -33.00 1.60
C ALA A 87 7.41 -32.27 0.36
N HIS A 88 8.10 -31.20 -0.05
CA HIS A 88 7.79 -30.47 -1.28
C HIS A 88 6.41 -29.82 -1.23
N LYS A 89 6.01 -29.32 -0.06
CA LYS A 89 4.74 -28.62 0.09
C LYS A 89 4.87 -27.11 0.10
N PHE A 90 6.08 -26.57 -0.03
CA PHE A 90 6.28 -25.13 -0.20
C PHE A 90 6.93 -24.84 -1.54
N ILE A 91 6.45 -23.77 -2.19
CA ILE A 91 7.02 -23.33 -3.47
C ILE A 91 8.18 -22.36 -3.26
N GLU A 92 8.40 -21.87 -2.04
CA GLU A 92 9.39 -20.85 -1.76
C GLU A 92 9.60 -20.83 -0.26
N ALA A 93 10.86 -20.71 0.19
CA ALA A 93 11.14 -20.79 1.61
C ALA A 93 12.51 -20.20 1.93
N GLY A 94 12.65 -19.78 3.19
CA GLY A 94 13.89 -19.21 3.70
C GLY A 94 13.81 -19.15 5.21
N GLN A 95 14.95 -18.81 5.83
CA GLN A 95 15.03 -18.73 7.29
C GLN A 95 15.62 -17.40 7.75
N TYR A 96 14.93 -16.74 8.68
CA TYR A 96 15.35 -15.47 9.25
C TYR A 96 15.15 -15.51 10.76
N ASN A 97 16.06 -14.89 11.51
CA ASN A 97 16.05 -14.98 12.98
C ASN A 97 15.62 -16.37 13.46
N SER A 98 16.21 -17.38 12.84
CA SER A 98 16.03 -18.78 13.23
C SER A 98 14.62 -19.29 12.98
N HIS A 99 13.82 -18.52 12.24
CA HIS A 99 12.44 -18.92 11.96
C HIS A 99 12.21 -19.12 10.47
N LEU A 100 11.39 -20.10 10.12
CA LEU A 100 11.10 -20.39 8.73
C LEU A 100 9.90 -19.60 8.25
N TYR A 101 9.95 -19.22 6.99
CA TYR A 101 8.87 -18.52 6.31
C TYR A 101 8.74 -19.16 4.94
N GLY A 102 7.51 -19.27 4.44
CA GLY A 102 7.30 -19.88 3.15
C GLY A 102 5.90 -19.66 2.66
N THR A 103 5.72 -19.86 1.36
CA THR A 103 4.41 -19.85 0.72
C THR A 103 4.06 -21.29 0.38
N SER A 104 3.02 -21.83 0.99
CA SER A 104 2.72 -23.23 0.78
C SER A 104 2.05 -23.46 -0.58
N VAL A 105 2.20 -24.71 -1.06
CA VAL A 105 1.42 -25.16 -2.20
C VAL A 105 -0.07 -25.02 -1.93
N GLN A 106 -0.49 -25.35 -0.71
CA GLN A 106 -1.92 -25.41 -0.41
C GLN A 106 -2.51 -24.02 -0.22
N SER A 107 -1.75 -23.09 0.38
CA SER A 107 -2.22 -21.72 0.57
C SER A 107 -2.46 -21.02 -0.76
N VAL A 108 -1.66 -21.31 -1.79
CA VAL A 108 -1.94 -20.73 -3.09
C VAL A 108 -3.23 -21.31 -3.69
N ARG A 109 -3.45 -22.63 -3.56
CA ARG A 109 -4.70 -23.20 -4.07
C ARG A 109 -5.89 -22.62 -3.33
N GLU A 110 -5.71 -22.29 -2.04
CA GLU A 110 -6.81 -21.74 -1.27
C GLU A 110 -7.31 -20.46 -1.90
N VAL A 111 -6.42 -19.66 -2.48
CA VAL A 111 -6.87 -18.50 -3.26
C VAL A 111 -7.49 -18.96 -4.58
N ALA A 112 -6.96 -20.03 -5.18
CA ALA A 112 -7.47 -20.50 -6.46
C ALA A 112 -8.94 -20.92 -6.35
N GLU A 113 -9.34 -21.45 -5.20
CA GLU A 113 -10.70 -21.93 -4.99
C GLU A 113 -11.72 -20.80 -4.81
N GLN A 114 -11.29 -19.63 -4.33
CA GLN A 114 -12.23 -18.51 -4.27
C GLN A 114 -12.54 -17.91 -5.63
N GLY A 115 -12.09 -18.45 -6.75
CA GLY A 115 -12.29 -17.76 -8.01
C GLY A 115 -11.34 -16.62 -8.26
N LYS A 116 -10.33 -16.44 -7.40
CA LYS A 116 -9.35 -15.36 -7.51
C LYS A 116 -8.09 -15.88 -8.19
N HIS A 117 -7.54 -15.08 -9.09
CA HIS A 117 -6.21 -15.34 -9.62
C HIS A 117 -5.16 -14.91 -8.61
N CYS A 118 -4.24 -15.81 -8.31
CA CYS A 118 -3.24 -15.58 -7.29
C CYS A 118 -1.98 -15.02 -7.95
N ILE A 119 -1.74 -13.73 -7.74
CA ILE A 119 -0.55 -13.06 -8.25
C ILE A 119 0.63 -13.43 -7.35
N LEU A 120 1.70 -13.95 -7.94
CA LEU A 120 2.83 -14.49 -7.18
C LEU A 120 4.13 -13.84 -7.62
N ASP A 121 4.95 -13.42 -6.63
CA ASP A 121 6.34 -13.01 -6.86
C ASP A 121 7.24 -14.17 -6.48
N VAL A 122 7.42 -15.10 -7.42
CA VAL A 122 8.15 -16.32 -7.16
C VAL A 122 9.09 -16.59 -8.32
N SER A 123 10.12 -17.39 -8.04
CA SER A 123 11.08 -17.80 -9.05
C SER A 123 10.43 -18.72 -10.08
N ALA A 124 11.19 -19.03 -11.14
CA ALA A 124 10.70 -19.97 -12.13
C ALA A 124 10.79 -21.40 -11.63
N ASN A 125 11.74 -21.71 -10.74
CA ASN A 125 11.69 -22.99 -10.04
C ASN A 125 10.40 -23.12 -9.25
N ALA A 126 10.00 -22.04 -8.58
CA ALA A 126 8.72 -22.04 -7.88
C ALA A 126 7.58 -22.29 -8.85
N VAL A 127 7.68 -21.75 -10.07
CA VAL A 127 6.68 -22.03 -11.10
C VAL A 127 6.66 -23.52 -11.44
N ARG A 128 7.84 -24.10 -11.69
CA ARG A 128 7.91 -25.53 -11.98
C ARG A 128 7.27 -26.36 -10.87
N ARG A 129 7.35 -25.89 -9.62
CA ARG A 129 6.77 -26.62 -8.50
C ARG A 129 5.25 -26.46 -8.42
N LEU A 130 4.71 -25.34 -8.92
CA LEU A 130 3.26 -25.23 -8.96
C LEU A 130 2.67 -26.10 -10.06
N GLN A 131 3.46 -26.32 -11.12
CA GLN A 131 3.06 -27.22 -12.19
C GLN A 131 3.16 -28.69 -11.76
N ALA A 132 4.19 -29.03 -10.97
CA ALA A 132 4.32 -30.41 -10.53
C ALA A 132 3.17 -30.84 -9.63
N ALA A 133 2.58 -29.85 -8.95
CA ALA A 133 1.33 -29.96 -8.23
C ALA A 133 0.20 -30.30 -9.18
N HIS A 134 0.30 -29.78 -10.40
CA HIS A 134 -0.79 -29.89 -11.37
C HIS A 134 -1.75 -28.72 -11.18
N LEU A 135 -1.33 -27.75 -10.38
CA LEU A 135 -2.14 -26.57 -10.09
C LEU A 135 -2.50 -25.81 -11.36
N HIS A 136 -1.69 -25.95 -12.40
CA HIS A 136 -1.94 -25.29 -13.66
C HIS A 136 -1.90 -23.77 -13.53
N PRO A 137 -0.63 -23.20 -13.37
CA PRO A 137 -0.66 -21.74 -13.25
C PRO A 137 -0.31 -21.04 -14.56
N ILE A 138 -0.60 -19.75 -14.64
CA ILE A 138 -0.32 -18.97 -15.84
C ILE A 138 1.05 -18.31 -15.65
N ALA A 139 2.05 -18.80 -16.37
CA ALA A 139 3.43 -18.30 -16.24
C ALA A 139 3.73 -17.49 -17.49
N ILE A 140 3.71 -16.16 -17.34
CA ILE A 140 3.96 -15.23 -18.44
C ILE A 140 5.37 -14.68 -18.25
N PHE A 141 6.18 -14.79 -19.31
CA PHE A 141 7.52 -14.24 -19.31
C PHE A 141 7.57 -13.06 -20.27
N ILE A 142 8.13 -11.95 -19.81
CA ILE A 142 8.27 -10.73 -20.61
C ILE A 142 9.70 -10.71 -21.15
N ARG A 143 9.84 -10.83 -22.48
CA ARG A 143 11.16 -10.86 -23.08
C ARG A 143 11.61 -9.46 -23.47
N PRO A 144 12.69 -8.95 -22.89
CA PRO A 144 13.29 -7.72 -23.43
C PRO A 144 13.84 -7.96 -24.81
N ARG A 145 13.59 -7.02 -25.70
CA ARG A 145 14.12 -7.08 -27.06
C ARG A 145 15.64 -6.89 -27.07
N SER A 146 16.08 -5.94 -26.26
CA SER A 146 17.46 -5.49 -26.24
C SER A 146 17.72 -4.76 -24.93
N LEU A 147 18.98 -4.44 -24.66
CA LEU A 147 19.32 -3.68 -23.47
C LEU A 147 18.61 -2.33 -23.55
N GLU A 148 18.57 -1.75 -24.74
CA GLU A 148 17.86 -0.51 -24.97
C GLU A 148 16.37 -0.66 -24.67
N ASN A 149 15.79 -1.81 -25.04
CA ASN A 149 14.38 -2.06 -24.76
C ASN A 149 14.15 -2.10 -23.25
N VAL A 150 15.11 -2.65 -22.51
CA VAL A 150 15.05 -2.64 -21.04
C VAL A 150 14.87 -1.22 -20.53
N LEU A 151 15.60 -0.27 -21.12
CA LEU A 151 15.57 1.10 -20.62
C LEU A 151 14.30 1.83 -21.00
N GLU A 152 13.58 1.32 -22.01
CA GLU A 152 12.35 1.92 -22.50
C GLU A 152 11.11 1.37 -21.81
N ILE A 153 10.94 0.05 -21.80
CA ILE A 153 9.77 -0.55 -21.18
C ILE A 153 9.76 -0.32 -19.68
N ASN A 154 10.90 0.03 -19.09
CA ASN A 154 11.05 0.10 -17.64
C ASN A 154 11.09 1.56 -17.21
N LYS A 155 10.14 1.93 -16.36
CA LYS A 155 9.85 3.32 -16.08
C LYS A 155 11.01 4.01 -15.37
N ARG A 156 11.52 3.37 -14.34
CA ARG A 156 12.59 3.92 -13.54
C ARG A 156 13.68 2.87 -13.40
N ILE A 157 14.91 3.26 -13.75
CA ILE A 157 16.07 2.36 -13.72
C ILE A 157 17.27 3.14 -14.20
N THR A 158 18.46 2.71 -13.79
CA THR A 158 19.70 3.24 -14.35
C THR A 158 20.29 2.23 -15.31
N GLU A 159 21.37 2.66 -15.96
CA GLU A 159 22.03 1.80 -16.94
C GLU A 159 22.72 0.63 -16.26
N GLU A 160 23.26 0.85 -15.06
CA GLU A 160 23.73 -0.24 -14.22
C GLU A 160 22.70 -1.35 -14.12
N GLN A 161 21.55 -1.03 -13.52
CA GLN A 161 20.51 -2.02 -13.22
C GLN A 161 19.97 -2.68 -14.48
N ALA A 162 19.92 -1.95 -15.59
CA ALA A 162 19.33 -2.49 -16.81
C ALA A 162 20.11 -3.69 -17.36
N ARG A 163 21.44 -3.66 -17.25
CA ARG A 163 22.24 -4.77 -17.76
C ARG A 163 21.99 -6.03 -16.96
N LYS A 164 22.02 -5.93 -15.64
CA LYS A 164 21.72 -7.07 -14.80
C LYS A 164 20.34 -7.63 -15.13
N ALA A 165 19.38 -6.75 -15.44
CA ALA A 165 18.04 -7.21 -15.79
C ALA A 165 18.01 -7.90 -17.17
N PHE A 166 18.73 -7.34 -18.13
CA PHE A 166 18.76 -7.90 -19.48
C PHE A 166 19.49 -9.25 -19.47
N ASP A 167 20.56 -9.33 -18.67
CA ASP A 167 21.33 -10.57 -18.60
C ASP A 167 20.59 -11.65 -17.81
N ARG A 168 19.80 -11.26 -16.81
CA ARG A 168 19.00 -12.25 -16.10
C ARG A 168 17.82 -12.75 -16.94
N ALA A 169 17.22 -11.89 -17.76
CA ALA A 169 16.09 -12.32 -18.57
C ALA A 169 16.51 -13.29 -19.66
N THR A 170 17.71 -13.11 -20.20
CA THR A 170 18.16 -13.95 -21.31
C THR A 170 18.53 -15.35 -20.83
N LYS A 171 19.25 -15.45 -19.71
CA LYS A 171 19.50 -16.75 -19.09
C LYS A 171 18.21 -17.43 -18.68
N LEU A 172 17.23 -16.66 -18.21
CA LEU A 172 16.07 -17.29 -17.59
C LEU A 172 15.19 -17.92 -18.66
N GLU A 173 15.14 -17.31 -19.85
CA GLU A 173 14.37 -17.90 -20.95
C GLU A 173 15.10 -19.13 -21.50
N GLN A 174 16.42 -19.03 -21.66
CA GLN A 174 17.15 -20.19 -22.14
C GLN A 174 17.04 -21.36 -21.18
N GLU A 175 16.90 -21.10 -19.88
CA GLU A 175 16.71 -22.21 -18.95
C GLU A 175 15.25 -22.67 -18.84
N PHE A 176 14.28 -21.76 -18.78
CA PHE A 176 12.93 -22.14 -18.37
C PHE A 176 11.87 -21.94 -19.44
N THR A 177 12.21 -21.94 -20.73
CA THR A 177 11.18 -21.67 -21.74
C THR A 177 10.04 -22.69 -21.66
N GLU A 178 10.35 -23.95 -21.40
CA GLU A 178 9.37 -25.01 -21.47
C GLU A 178 8.26 -24.87 -20.44
N CYS A 179 8.39 -23.96 -19.47
CA CYS A 179 7.40 -23.80 -18.42
C CYS A 179 6.55 -22.54 -18.56
N PHE A 180 6.86 -21.66 -19.51
CA PHE A 180 6.05 -20.46 -19.65
C PHE A 180 4.76 -20.77 -20.41
N SER A 181 3.67 -20.17 -19.94
CA SER A 181 2.43 -20.23 -20.70
C SER A 181 2.51 -19.35 -21.93
N ALA A 182 3.30 -18.28 -21.86
CA ALA A 182 3.40 -17.32 -22.95
C ALA A 182 4.66 -16.48 -22.80
N ILE A 183 5.15 -15.98 -23.93
CA ILE A 183 6.18 -14.93 -23.96
C ILE A 183 5.64 -13.73 -24.74
N VAL A 184 5.76 -12.55 -24.13
CA VAL A 184 5.23 -11.29 -24.66
C VAL A 184 6.37 -10.28 -24.85
N GLU A 185 6.16 -9.34 -25.78
CA GLU A 185 7.15 -8.30 -26.08
C GLU A 185 6.48 -6.97 -26.37
N GLY A 186 7.27 -5.92 -26.28
CA GLY A 186 6.78 -4.58 -26.57
C GLY A 186 7.85 -3.52 -26.52
N ASP A 187 7.64 -2.45 -27.29
CA ASP A 187 8.51 -1.29 -27.29
C ASP A 187 8.14 -0.30 -26.20
N SER A 188 6.96 -0.44 -25.63
CA SER A 188 6.52 0.29 -24.45
C SER A 188 5.98 -0.72 -23.47
N PHE A 189 5.97 -0.33 -22.20
CA PHE A 189 5.38 -1.21 -21.20
C PHE A 189 3.87 -1.37 -21.42
N GLU A 190 3.16 -0.31 -21.86
CA GLU A 190 1.72 -0.43 -22.05
C GLU A 190 1.40 -1.52 -23.07
N GLU A 191 2.25 -1.64 -24.10
CA GLU A 191 2.09 -2.75 -25.03
C GLU A 191 2.35 -4.08 -24.33
N ILE A 192 3.38 -4.16 -23.50
CA ILE A 192 3.62 -5.38 -22.73
C ILE A 192 2.43 -5.66 -21.82
N TYR A 193 1.97 -4.64 -21.10
CA TYR A 193 0.87 -4.82 -20.16
C TYR A 193 -0.39 -5.28 -20.86
N HIS A 194 -0.64 -4.80 -22.08
CA HIS A 194 -1.85 -5.20 -22.79
C HIS A 194 -1.77 -6.66 -23.20
N LYS A 195 -0.59 -7.13 -23.62
CA LYS A 195 -0.48 -8.53 -24.03
C LYS A 195 -0.55 -9.45 -22.82
N VAL A 196 -0.01 -9.03 -21.68
CA VAL A 196 -0.17 -9.80 -20.46
C VAL A 196 -1.65 -10.06 -20.19
N LYS A 197 -2.47 -9.02 -20.32
CA LYS A 197 -3.91 -9.19 -20.12
C LYS A 197 -4.52 -10.05 -21.22
N ARG A 198 -3.97 -10.01 -22.43
CA ARG A 198 -4.45 -10.90 -23.47
C ARG A 198 -4.19 -12.36 -23.13
N VAL A 199 -3.02 -12.66 -22.56
CA VAL A 199 -2.70 -14.02 -22.15
C VAL A 199 -3.66 -14.49 -21.06
N ILE A 200 -3.85 -13.67 -20.03
CA ILE A 200 -4.75 -14.03 -18.94
C ILE A 200 -6.16 -14.22 -19.48
N GLU A 201 -6.55 -13.38 -20.44
CA GLU A 201 -7.90 -13.43 -21.01
C GLU A 201 -8.13 -14.68 -21.86
N ASP A 202 -7.09 -15.20 -22.52
CA ASP A 202 -7.24 -16.38 -23.36
C ASP A 202 -7.22 -17.66 -22.56
N LEU A 203 -6.51 -17.67 -21.43
CA LEU A 203 -6.21 -18.85 -20.66
C LEU A 203 -6.96 -18.92 -19.33
N SER A 204 -7.93 -18.03 -19.12
CA SER A 204 -8.72 -18.02 -17.88
C SER A 204 -10.07 -18.72 -18.00
N GLY A 205 -10.55 -18.97 -19.20
CA GLY A 205 -11.85 -19.59 -19.40
C GLY A 205 -11.98 -20.96 -18.77
N PHE B 15 24.45 38.60 -25.81
CA PHE B 15 24.14 38.08 -24.48
C PHE B 15 22.82 37.33 -24.48
N GLN B 16 22.76 36.18 -25.14
CA GLN B 16 21.54 35.39 -25.18
C GLN B 16 21.88 33.91 -25.02
N GLY B 17 21.30 33.30 -24.01
CA GLY B 17 21.58 31.91 -23.66
C GLY B 17 21.37 30.95 -24.82
N PRO B 18 22.32 30.05 -25.02
CA PRO B 18 22.20 29.03 -26.06
C PRO B 18 20.96 28.16 -25.89
N GLY B 19 20.68 27.36 -26.91
CA GLY B 19 19.58 26.43 -26.90
C GLY B 19 19.96 25.05 -26.40
N SER B 20 21.27 24.78 -26.32
CA SER B 20 21.82 23.58 -25.70
C SER B 20 23.10 23.94 -24.95
N GLU B 21 23.54 23.03 -24.10
CA GLU B 21 24.88 23.12 -23.53
C GLU B 21 25.88 22.49 -24.48
N PHE B 22 27.16 22.75 -24.24
CA PHE B 22 28.22 22.29 -25.13
C PHE B 22 28.39 20.76 -25.18
N VAL B 23 28.59 20.25 -26.39
CA VAL B 23 28.88 18.84 -26.63
C VAL B 23 30.02 18.79 -27.64
N HIS B 24 31.10 18.10 -27.30
CA HIS B 24 32.18 17.93 -28.27
C HIS B 24 31.74 16.91 -29.31
N TYR B 25 31.91 17.25 -30.58
CA TYR B 25 31.45 16.45 -31.69
C TYR B 25 32.57 16.32 -32.71
N ALA B 26 32.86 15.07 -33.12
CA ALA B 26 33.86 14.79 -34.15
C ALA B 26 33.19 14.04 -35.29
N ARG B 27 33.49 14.44 -36.52
CA ARG B 27 32.73 13.98 -37.68
C ARG B 27 33.17 12.58 -38.09
N PRO B 28 32.25 11.65 -38.36
CA PRO B 28 32.68 10.34 -38.84
C PRO B 28 33.38 10.50 -40.18
N ILE B 29 34.34 9.64 -40.44
CA ILE B 29 35.17 9.72 -41.63
C ILE B 29 34.91 8.47 -42.46
N ILE B 30 34.64 8.66 -43.75
CA ILE B 30 34.45 7.54 -44.65
C ILE B 30 35.37 7.73 -45.85
N ILE B 31 36.30 6.80 -46.04
CA ILE B 31 37.29 6.84 -47.11
C ILE B 31 36.75 5.97 -48.24
N LEU B 32 36.79 6.46 -49.48
CA LEU B 32 36.28 5.72 -50.63
C LEU B 32 37.27 5.71 -51.79
N GLY B 33 37.19 4.67 -52.61
CA GLY B 33 38.05 4.54 -53.76
C GLY B 33 39.18 3.56 -53.54
N PRO B 34 40.06 3.39 -54.52
CA PRO B 34 41.24 2.54 -54.32
C PRO B 34 42.05 3.10 -53.17
N THR B 35 42.87 2.23 -52.57
CA THR B 35 43.78 2.53 -51.45
C THR B 35 43.04 2.88 -50.17
N LYS B 36 41.71 2.70 -50.15
CA LYS B 36 40.89 3.11 -49.02
C LYS B 36 41.29 2.44 -47.71
N ASP B 37 41.48 1.12 -47.71
CA ASP B 37 41.71 0.40 -46.46
C ASP B 37 43.03 0.81 -45.81
N ARG B 38 44.08 1.00 -46.62
CA ARG B 38 45.36 1.40 -46.06
C ARG B 38 45.34 2.83 -45.55
N ALA B 39 44.62 3.71 -46.25
CA ALA B 39 44.45 5.07 -45.75
C ALA B 39 43.78 5.07 -44.39
N ASN B 40 42.72 4.26 -44.24
CA ASN B 40 42.06 4.13 -42.95
C ASN B 40 43.03 3.68 -41.86
N ASP B 41 43.75 2.57 -42.12
CA ASP B 41 44.61 1.99 -41.08
C ASP B 41 45.74 2.91 -40.70
N ASP B 42 46.31 3.61 -41.68
CA ASP B 42 47.43 4.51 -41.40
C ASP B 42 46.98 5.68 -40.54
N LEU B 43 45.75 6.14 -40.72
CA LEU B 43 45.25 7.21 -39.87
C LEU B 43 45.06 6.71 -38.45
N LEU B 44 44.49 5.51 -38.30
CA LEU B 44 44.34 4.94 -36.95
C LEU B 44 45.69 4.78 -36.30
N SER B 45 46.70 4.35 -37.08
CA SER B 45 48.04 4.15 -36.55
C SER B 45 48.71 5.44 -36.17
N GLU B 46 48.25 6.55 -36.74
CA GLU B 46 48.96 7.81 -36.57
C GLU B 46 48.32 8.73 -35.54
N PHE B 47 46.98 8.73 -35.43
CA PHE B 47 46.30 9.44 -34.34
C PHE B 47 45.31 8.50 -33.66
N PRO B 48 45.79 7.52 -32.88
CA PRO B 48 44.84 6.64 -32.18
C PRO B 48 43.79 7.38 -31.35
N ASP B 49 44.15 8.45 -30.66
CA ASP B 49 43.23 9.03 -29.71
C ASP B 49 42.09 9.78 -30.39
N LYS B 50 42.19 10.02 -31.68
CA LYS B 50 41.22 10.85 -32.36
C LYS B 50 40.06 10.02 -32.86
N PHE B 51 40.23 8.71 -32.88
CA PHE B 51 39.27 7.76 -33.41
C PHE B 51 38.78 6.79 -32.35
N GLY B 52 37.53 6.37 -32.51
CA GLY B 52 36.92 5.34 -31.70
C GLY B 52 36.19 4.36 -32.59
N SER B 53 35.63 3.33 -31.97
CA SER B 53 34.96 2.28 -32.71
C SER B 53 33.48 2.26 -32.38
N CYS B 54 32.69 2.02 -33.42
CA CYS B 54 31.26 1.89 -33.28
C CYS B 54 30.93 0.44 -32.91
N VAL B 55 29.77 0.25 -32.30
CA VAL B 55 29.35 -1.07 -31.86
C VAL B 55 28.21 -1.55 -32.76
N PRO B 56 28.33 -2.72 -33.36
CA PRO B 56 27.29 -3.21 -34.27
C PRO B 56 26.21 -3.92 -33.50
N HIS B 57 25.09 -4.12 -34.18
CA HIS B 57 24.03 -4.91 -33.63
C HIS B 57 24.00 -6.27 -34.29
N THR B 58 23.43 -7.23 -33.58
CA THR B 58 23.19 -8.55 -34.14
C THR B 58 21.99 -9.17 -33.45
N THR B 59 21.28 -9.99 -34.21
CA THR B 59 20.22 -10.81 -33.65
C THR B 59 20.76 -12.14 -33.19
N ARG B 60 21.99 -12.46 -33.58
CA ARG B 60 22.57 -13.74 -33.20
C ARG B 60 22.72 -13.76 -31.67
N PRO B 61 22.32 -14.85 -31.01
CA PRO B 61 22.49 -14.92 -29.55
C PRO B 61 23.94 -14.78 -29.12
N LYS B 62 24.13 -14.07 -28.02
CA LYS B 62 25.45 -13.86 -27.43
C LYS B 62 26.05 -15.20 -27.03
N ARG B 63 27.36 -15.33 -27.22
CA ARG B 63 28.09 -16.49 -26.74
C ARG B 63 28.60 -16.26 -25.34
N GLU B 64 29.17 -17.33 -24.78
CA GLU B 64 29.40 -17.36 -23.33
C GLU B 64 30.28 -16.19 -22.88
N TYR B 65 31.34 -15.89 -23.62
CA TYR B 65 32.28 -14.85 -23.20
C TYR B 65 32.08 -13.54 -23.92
N GLU B 66 31.07 -13.42 -24.76
CA GLU B 66 30.81 -12.10 -25.30
C GLU B 66 30.10 -11.24 -24.28
N ILE B 67 30.23 -9.93 -24.47
CA ILE B 67 29.62 -8.94 -23.60
C ILE B 67 28.77 -8.01 -24.46
N ASP B 68 27.50 -7.90 -24.11
CA ASP B 68 26.64 -6.95 -24.80
C ASP B 68 27.10 -5.53 -24.52
N GLY B 69 27.00 -4.67 -25.54
CA GLY B 69 27.53 -3.33 -25.44
C GLY B 69 29.00 -3.23 -25.70
N ARG B 70 29.73 -4.35 -25.61
CA ARG B 70 31.14 -4.41 -25.97
C ARG B 70 31.35 -5.14 -27.30
N ASP B 71 31.01 -6.43 -27.36
CA ASP B 71 31.13 -7.16 -28.63
C ASP B 71 30.05 -6.75 -29.62
N TYR B 72 28.79 -6.73 -29.18
CA TYR B 72 27.69 -6.27 -30.01
C TYR B 72 26.64 -5.67 -29.11
N HIS B 73 25.70 -4.96 -29.72
CA HIS B 73 24.40 -4.75 -29.13
C HIS B 73 23.53 -5.92 -29.56
N PHE B 74 23.16 -6.77 -28.60
CA PHE B 74 22.41 -7.99 -28.89
C PHE B 74 20.92 -7.73 -28.87
N VAL B 75 20.27 -8.01 -30.00
CA VAL B 75 18.82 -7.98 -30.12
C VAL B 75 18.29 -9.39 -29.96
N SER B 76 17.43 -9.57 -28.95
CA SER B 76 16.83 -10.86 -28.68
C SER B 76 15.69 -11.13 -29.66
N SER B 77 15.05 -10.08 -30.16
CA SER B 77 13.89 -10.17 -31.03
C SER B 77 14.33 -9.92 -32.48
N ARG B 78 14.36 -11.00 -33.28
CA ARG B 78 14.69 -10.85 -34.68
C ARG B 78 13.72 -9.93 -35.40
N GLU B 79 12.41 -10.14 -35.16
CA GLU B 79 11.38 -9.31 -35.76
C GLU B 79 11.61 -7.84 -35.49
N LYS B 80 12.14 -7.50 -34.32
CA LYS B 80 12.36 -6.10 -34.00
C LYS B 80 13.50 -5.52 -34.81
N MET B 81 14.58 -6.27 -35.03
CA MET B 81 15.68 -5.66 -35.76
C MET B 81 15.33 -5.45 -37.22
N GLU B 82 14.48 -6.31 -37.78
CA GLU B 82 14.02 -6.08 -39.14
C GLU B 82 13.28 -4.76 -39.25
N LYS B 83 12.42 -4.47 -38.27
CA LYS B 83 11.69 -3.20 -38.25
C LYS B 83 12.67 -2.02 -38.24
N ASP B 84 13.65 -2.08 -37.35
CA ASP B 84 14.57 -0.96 -37.20
C ASP B 84 15.36 -0.73 -38.48
N ILE B 85 15.73 -1.81 -39.19
CA ILE B 85 16.36 -1.66 -40.50
C ILE B 85 15.41 -0.94 -41.45
N GLN B 86 14.12 -1.28 -41.38
CA GLN B 86 13.12 -0.63 -42.23
C GLN B 86 12.87 0.81 -41.80
N ALA B 87 12.95 1.10 -40.50
CA ALA B 87 12.85 2.47 -40.00
C ALA B 87 14.13 3.28 -40.20
N HIS B 88 15.07 2.78 -41.01
CA HIS B 88 16.31 3.46 -41.38
C HIS B 88 17.23 3.73 -40.18
N LYS B 89 17.15 2.90 -39.15
CA LYS B 89 18.05 3.06 -38.02
C LYS B 89 19.46 2.57 -38.31
N PHE B 90 19.66 1.84 -39.41
CA PHE B 90 20.92 1.18 -39.72
C PHE B 90 21.54 1.76 -40.97
N ILE B 91 22.87 1.91 -40.94
CA ILE B 91 23.62 2.43 -42.07
C ILE B 91 24.02 1.32 -43.04
N GLU B 92 23.96 0.07 -42.60
CA GLU B 92 24.36 -1.09 -43.37
C GLU B 92 23.97 -2.32 -42.56
N ALA B 93 23.58 -3.37 -43.26
CA ALA B 93 23.08 -4.56 -42.61
C ALA B 93 23.22 -5.73 -43.56
N GLY B 94 23.25 -6.93 -43.01
CA GLY B 94 23.33 -8.12 -43.82
C GLY B 94 22.98 -9.31 -42.95
N GLN B 95 22.82 -10.45 -43.60
CA GLN B 95 22.36 -11.65 -42.93
C GLN B 95 23.39 -12.74 -43.13
N TYR B 96 23.80 -13.35 -42.02
CA TYR B 96 24.83 -14.39 -42.10
C TYR B 96 24.55 -15.45 -41.05
N ASN B 97 24.50 -16.70 -41.50
CA ASN B 97 23.97 -17.83 -40.73
C ASN B 97 22.60 -17.47 -40.14
N SER B 98 21.73 -16.91 -40.97
CA SER B 98 20.34 -16.58 -40.66
C SER B 98 20.20 -15.52 -39.58
N HIS B 99 21.28 -14.81 -39.23
CA HIS B 99 21.21 -13.79 -38.20
C HIS B 99 21.65 -12.45 -38.75
N LEU B 100 20.99 -11.40 -38.28
CA LEU B 100 21.27 -10.09 -38.81
C LEU B 100 22.45 -9.45 -38.10
N TYR B 101 23.19 -8.65 -38.86
CA TYR B 101 24.25 -7.83 -38.32
C TYR B 101 24.09 -6.47 -38.97
N GLY B 102 24.36 -5.42 -38.22
CA GLY B 102 24.25 -4.10 -38.79
C GLY B 102 24.85 -3.04 -37.89
N THR B 103 25.18 -1.91 -38.51
CA THR B 103 25.72 -0.74 -37.84
C THR B 103 24.61 0.30 -37.77
N SER B 104 24.17 0.62 -36.56
CA SER B 104 23.06 1.53 -36.38
C SER B 104 23.52 2.98 -36.55
N VAL B 105 22.58 3.83 -36.95
CA VAL B 105 22.84 5.27 -36.93
C VAL B 105 23.30 5.68 -35.55
N GLN B 106 22.67 5.12 -34.52
CA GLN B 106 22.87 5.65 -33.19
C GLN B 106 24.24 5.29 -32.63
N SER B 107 24.76 4.10 -32.94
CA SER B 107 26.08 3.73 -32.47
C SER B 107 27.16 4.63 -33.09
N VAL B 108 27.00 5.04 -34.34
CA VAL B 108 27.94 5.99 -34.94
C VAL B 108 27.84 7.33 -34.23
N ARG B 109 26.63 7.79 -33.94
CA ARG B 109 26.50 9.07 -33.26
C ARG B 109 27.09 9.03 -31.86
N GLU B 110 27.00 7.89 -31.19
CA GLU B 110 27.52 7.79 -29.83
C GLU B 110 29.03 7.97 -29.79
N VAL B 111 29.75 7.53 -30.82
CA VAL B 111 31.19 7.79 -30.83
C VAL B 111 31.45 9.27 -31.13
N ALA B 112 30.72 9.84 -32.08
CA ALA B 112 30.97 11.24 -32.44
C ALA B 112 30.65 12.18 -31.30
N GLU B 113 29.56 11.89 -30.57
CA GLU B 113 29.17 12.78 -29.48
C GLU B 113 30.08 12.63 -28.27
N GLN B 114 31.05 11.71 -28.30
CA GLN B 114 32.10 11.64 -27.30
C GLN B 114 33.44 12.16 -27.81
N GLY B 115 33.46 12.77 -29.00
CA GLY B 115 34.63 13.49 -29.47
C GLY B 115 35.57 12.71 -30.35
N LYS B 116 35.21 11.49 -30.75
CA LYS B 116 36.02 10.61 -31.58
C LYS B 116 35.58 10.65 -33.04
N HIS B 117 36.54 10.66 -33.95
CA HIS B 117 36.21 10.44 -35.35
C HIS B 117 35.92 8.98 -35.59
N CYS B 118 34.76 8.69 -36.14
CA CYS B 118 34.34 7.31 -36.38
C CYS B 118 34.68 6.97 -37.83
N ILE B 119 35.72 6.17 -38.03
CA ILE B 119 36.07 5.73 -39.38
C ILE B 119 35.19 4.54 -39.77
N LEU B 120 34.55 4.65 -40.91
CA LEU B 120 33.57 3.66 -41.35
C LEU B 120 33.98 3.13 -42.71
N ASP B 121 34.04 1.80 -42.83
CA ASP B 121 34.27 1.14 -44.10
C ASP B 121 32.91 0.68 -44.62
N VAL B 122 32.21 1.63 -45.23
CA VAL B 122 30.84 1.46 -45.68
C VAL B 122 30.72 2.01 -47.09
N SER B 123 29.68 1.58 -47.79
CA SER B 123 29.43 2.03 -49.14
C SER B 123 29.03 3.51 -49.16
N ALA B 124 28.94 4.05 -50.38
CA ALA B 124 28.54 5.43 -50.59
C ALA B 124 27.05 5.62 -50.34
N ASN B 125 26.25 4.56 -50.48
CA ASN B 125 24.86 4.59 -50.03
C ASN B 125 24.81 4.92 -48.55
N ALA B 126 25.63 4.21 -47.76
CA ALA B 126 25.74 4.38 -46.32
C ALA B 126 26.22 5.78 -45.97
N VAL B 127 27.12 6.34 -46.77
CA VAL B 127 27.49 7.74 -46.58
C VAL B 127 26.27 8.62 -46.72
N ARG B 128 25.41 8.34 -47.72
CA ARG B 128 24.21 9.14 -47.92
C ARG B 128 23.21 8.99 -46.78
N ARG B 129 23.38 7.98 -45.93
CA ARG B 129 22.47 7.87 -44.78
C ARG B 129 22.92 8.66 -43.58
N LEU B 130 24.22 8.84 -43.42
CA LEU B 130 24.71 9.66 -42.33
C LEU B 130 24.45 11.12 -42.61
N GLN B 131 24.42 11.51 -43.87
CA GLN B 131 24.09 12.88 -44.18
C GLN B 131 22.60 13.14 -43.96
N ALA B 132 21.75 12.18 -44.35
CA ALA B 132 20.32 12.33 -44.09
C ALA B 132 20.01 12.35 -42.61
N ALA B 133 20.87 11.75 -41.78
CA ALA B 133 20.70 11.74 -40.34
C ALA B 133 21.44 12.88 -39.67
N HIS B 134 22.04 13.77 -40.46
CA HIS B 134 22.75 14.95 -39.96
C HIS B 134 23.84 14.58 -38.97
N LEU B 135 24.62 13.56 -39.28
CA LEU B 135 25.85 13.31 -38.55
C LEU B 135 27.06 13.89 -39.25
N HIS B 136 26.86 14.50 -40.41
CA HIS B 136 27.89 15.23 -41.14
C HIS B 136 29.16 14.42 -41.34
N PRO B 137 29.16 13.40 -42.17
CA PRO B 137 30.38 12.62 -42.36
C PRO B 137 31.46 13.44 -43.06
N ILE B 138 32.69 12.99 -42.93
CA ILE B 138 33.76 13.39 -43.83
C ILE B 138 33.91 12.25 -44.83
N ALA B 139 33.50 12.51 -46.07
CA ALA B 139 33.54 11.55 -47.17
C ALA B 139 34.61 12.00 -48.16
N ILE B 140 35.76 11.33 -48.14
CA ILE B 140 36.89 11.60 -49.01
C ILE B 140 36.93 10.50 -50.06
N PHE B 141 36.92 10.88 -51.33
CA PHE B 141 37.00 9.92 -52.41
C PHE B 141 38.37 10.03 -53.05
N ILE B 142 39.01 8.87 -53.23
CA ILE B 142 40.34 8.81 -53.83
C ILE B 142 40.16 8.46 -55.30
N ARG B 143 40.46 9.40 -56.18
CA ARG B 143 40.27 9.19 -57.60
C ARG B 143 41.51 8.58 -58.21
N PRO B 144 41.44 7.38 -58.77
CA PRO B 144 42.52 6.90 -59.63
C PRO B 144 42.54 7.75 -60.88
N ARG B 145 43.73 7.92 -61.44
CA ARG B 145 43.89 8.71 -62.66
C ARG B 145 44.08 7.89 -63.91
N SER B 146 44.35 6.59 -63.76
CA SER B 146 44.51 5.68 -64.86
C SER B 146 44.72 4.29 -64.27
N LEU B 147 44.53 3.28 -65.12
CA LEU B 147 44.74 1.91 -64.68
C LEU B 147 46.16 1.73 -64.13
N GLU B 148 47.11 2.52 -64.61
CA GLU B 148 48.48 2.47 -64.10
C GLU B 148 48.60 3.11 -62.73
N ASN B 149 47.79 4.15 -62.46
CA ASN B 149 47.86 4.85 -61.17
C ASN B 149 47.38 3.96 -60.03
N VAL B 150 46.37 3.14 -60.29
CA VAL B 150 45.92 2.18 -59.28
C VAL B 150 47.09 1.34 -58.79
N LEU B 151 47.99 0.96 -59.72
CA LEU B 151 49.14 0.14 -59.37
C LEU B 151 50.24 0.92 -58.67
N GLU B 152 50.42 2.19 -59.02
CA GLU B 152 51.35 3.03 -58.27
C GLU B 152 50.93 3.12 -56.81
N ILE B 153 49.69 3.53 -56.57
CA ILE B 153 49.19 3.83 -55.23
C ILE B 153 48.91 2.58 -54.40
N ASN B 154 48.91 1.40 -55.01
CA ASN B 154 48.59 0.16 -54.30
C ASN B 154 49.86 -0.64 -54.12
N LYS B 155 50.06 -1.11 -52.88
CA LYS B 155 51.25 -1.89 -52.57
C LYS B 155 51.38 -3.10 -53.47
N ARG B 156 50.38 -4.00 -53.41
CA ARG B 156 50.37 -5.19 -54.22
C ARG B 156 48.98 -5.37 -54.82
N ILE B 157 48.95 -5.91 -56.04
CA ILE B 157 47.71 -6.18 -56.74
C ILE B 157 48.06 -6.92 -58.02
N THR B 158 47.14 -7.72 -58.52
CA THR B 158 47.28 -8.29 -59.86
C THR B 158 46.54 -7.39 -60.86
N GLU B 159 46.77 -7.66 -62.15
CA GLU B 159 46.25 -6.80 -63.19
C GLU B 159 44.72 -6.80 -63.23
N GLU B 160 44.10 -7.88 -62.76
CA GLU B 160 42.65 -7.99 -62.80
C GLU B 160 41.99 -7.25 -61.66
N GLN B 161 42.51 -7.43 -60.43
CA GLN B 161 41.98 -6.67 -59.31
C GLN B 161 42.11 -5.18 -59.55
N ALA B 162 43.21 -4.76 -60.20
CA ALA B 162 43.39 -3.35 -60.51
C ALA B 162 42.37 -2.89 -61.55
N ARG B 163 42.04 -3.77 -62.50
CA ARG B 163 41.06 -3.41 -63.53
C ARG B 163 39.70 -3.16 -62.91
N LYS B 164 39.20 -4.12 -62.14
CA LYS B 164 37.92 -3.95 -61.47
C LYS B 164 37.95 -2.75 -60.54
N ALA B 165 39.08 -2.52 -59.86
CA ALA B 165 39.16 -1.39 -58.94
C ALA B 165 39.12 -0.06 -59.69
N PHE B 166 39.81 0.03 -60.81
CA PHE B 166 39.78 1.25 -61.61
C PHE B 166 38.40 1.48 -62.20
N ASP B 167 37.78 0.42 -62.73
CA ASP B 167 36.51 0.59 -63.40
C ASP B 167 35.36 0.79 -62.42
N ARG B 168 35.44 0.23 -61.20
CA ARG B 168 34.45 0.52 -60.18
C ARG B 168 34.63 1.92 -59.61
N ALA B 169 35.87 2.40 -59.50
CA ALA B 169 36.06 3.73 -58.94
C ALA B 169 35.53 4.82 -59.87
N THR B 170 35.63 4.61 -61.19
CA THR B 170 35.05 5.60 -62.10
C THR B 170 33.53 5.47 -62.12
N LYS B 171 33.02 4.24 -62.09
CA LYS B 171 31.58 4.03 -61.98
C LYS B 171 31.03 4.71 -60.73
N LEU B 172 31.75 4.62 -59.61
CA LEU B 172 31.21 5.15 -58.37
C LEU B 172 31.35 6.67 -58.32
N GLU B 173 32.29 7.24 -59.08
CA GLU B 173 32.40 8.69 -59.08
C GLU B 173 31.20 9.33 -59.77
N GLN B 174 30.78 8.80 -60.94
CA GLN B 174 29.62 9.36 -61.63
C GLN B 174 28.37 9.29 -60.77
N GLU B 175 28.17 8.16 -60.11
CA GLU B 175 26.96 7.94 -59.34
C GLU B 175 26.94 8.78 -58.08
N PHE B 176 28.07 8.89 -57.37
CA PHE B 176 28.03 9.43 -56.02
C PHE B 176 28.87 10.69 -55.80
N THR B 177 29.24 11.43 -56.84
CA THR B 177 30.12 12.59 -56.60
C THR B 177 29.43 13.65 -55.76
N GLU B 178 28.13 13.88 -56.00
CA GLU B 178 27.40 14.90 -55.27
C GLU B 178 27.57 14.78 -53.75
N CYS B 179 27.88 13.60 -53.24
CA CYS B 179 27.92 13.41 -51.79
C CYS B 179 29.30 13.48 -51.18
N PHE B 180 30.38 13.56 -51.96
CA PHE B 180 31.71 13.58 -51.39
C PHE B 180 32.06 14.98 -50.91
N SER B 181 32.72 15.02 -49.74
CA SER B 181 33.29 16.26 -49.23
C SER B 181 34.54 16.68 -49.98
N ALA B 182 35.28 15.73 -50.54
CA ALA B 182 36.51 16.03 -51.24
C ALA B 182 36.84 14.87 -52.15
N ILE B 183 37.55 15.16 -53.24
CA ILE B 183 38.18 14.15 -54.07
C ILE B 183 39.68 14.44 -54.14
N VAL B 184 40.48 13.41 -53.89
CA VAL B 184 41.93 13.53 -53.83
C VAL B 184 42.55 12.65 -54.90
N GLU B 185 43.73 13.06 -55.34
CA GLU B 185 44.49 12.35 -56.35
C GLU B 185 45.97 12.39 -56.00
N GLY B 186 46.73 11.49 -56.62
CA GLY B 186 48.17 11.46 -56.44
C GLY B 186 48.82 10.38 -57.28
N ASP B 187 50.05 10.59 -57.71
CA ASP B 187 50.81 9.51 -58.32
C ASP B 187 51.46 8.61 -57.29
N SER B 188 51.38 8.98 -56.03
CA SER B 188 51.98 8.28 -54.93
C SER B 188 50.92 8.02 -53.89
N PHE B 189 51.08 6.94 -53.10
CA PHE B 189 50.15 6.82 -51.98
C PHE B 189 50.45 7.88 -50.94
N GLU B 190 51.73 8.16 -50.69
CA GLU B 190 52.11 9.24 -49.80
C GLU B 190 51.40 10.54 -50.17
N GLU B 191 51.30 10.83 -51.46
CA GLU B 191 50.69 12.10 -51.84
C GLU B 191 49.19 12.08 -51.52
N ILE B 192 48.53 10.95 -51.81
CA ILE B 192 47.11 10.79 -51.47
C ILE B 192 46.92 10.91 -49.96
N TYR B 193 47.75 10.19 -49.20
CA TYR B 193 47.61 10.20 -47.75
C TYR B 193 47.85 11.59 -47.18
N HIS B 194 48.71 12.39 -47.83
CA HIS B 194 48.98 13.72 -47.32
C HIS B 194 47.73 14.59 -47.45
N LYS B 195 47.00 14.46 -48.56
CA LYS B 195 45.79 15.25 -48.78
C LYS B 195 44.64 14.73 -47.93
N VAL B 196 44.59 13.41 -47.70
CA VAL B 196 43.57 12.84 -46.83
C VAL B 196 43.60 13.56 -45.48
N LYS B 197 44.80 13.73 -44.93
CA LYS B 197 44.95 14.45 -43.66
C LYS B 197 44.63 15.94 -43.81
N ARG B 198 44.89 16.50 -45.00
CA ARG B 198 44.53 17.88 -45.28
C ARG B 198 43.02 18.06 -45.25
N VAL B 199 42.28 17.12 -45.85
CA VAL B 199 40.82 17.21 -45.85
C VAL B 199 40.29 17.16 -44.43
N ILE B 200 40.74 16.18 -43.66
CA ILE B 200 40.34 16.06 -42.27
C ILE B 200 40.76 17.27 -41.46
N GLU B 201 41.91 17.86 -41.80
CA GLU B 201 42.40 19.02 -41.05
C GLU B 201 41.53 20.24 -41.32
N ASP B 202 40.97 20.36 -42.52
CA ASP B 202 40.16 21.52 -42.88
C ASP B 202 38.71 21.38 -42.42
N LEU B 203 38.19 20.16 -42.35
CA LEU B 203 36.76 19.94 -42.17
C LEU B 203 36.37 19.53 -40.75
N SER B 204 37.27 19.64 -39.79
CA SER B 204 36.94 19.34 -38.41
C SER B 204 36.52 20.63 -37.74
N GLY B 205 35.54 20.53 -36.84
CA GLY B 205 35.02 21.70 -36.15
C GLY B 205 36.08 22.44 -35.36
N HIS C 24 6.96 26.53 -52.66
CA HIS C 24 6.46 25.68 -51.59
C HIS C 24 6.94 26.22 -50.24
N TYR C 25 6.47 25.62 -49.14
CA TYR C 25 7.02 25.97 -47.83
C TYR C 25 6.64 24.94 -46.77
N ALA C 26 7.62 24.45 -46.02
CA ALA C 26 7.41 23.54 -44.92
C ALA C 26 7.98 24.20 -43.67
N ARG C 27 7.24 24.13 -42.59
CA ARG C 27 7.52 25.01 -41.46
C ARG C 27 8.71 24.54 -40.64
N PRO C 28 9.55 25.47 -40.21
CA PRO C 28 10.70 25.10 -39.39
C PRO C 28 10.25 24.47 -38.07
N ILE C 29 11.09 23.60 -37.55
CA ILE C 29 10.80 22.83 -36.36
C ILE C 29 11.81 23.16 -35.29
N ILE C 30 11.33 23.52 -34.11
CA ILE C 30 12.19 23.77 -32.97
C ILE C 30 11.64 23.00 -31.79
N ILE C 31 12.38 22.03 -31.29
CA ILE C 31 11.98 21.24 -30.13
C ILE C 31 12.75 21.74 -28.92
N LEU C 32 12.05 21.95 -27.80
CA LEU C 32 12.67 22.44 -26.58
C LEU C 32 12.25 21.58 -25.40
N GLY C 33 13.13 21.56 -24.39
CA GLY C 33 12.93 20.78 -23.19
C GLY C 33 13.78 19.53 -23.22
N PRO C 34 13.68 18.71 -22.17
CA PRO C 34 14.46 17.46 -22.17
C PRO C 34 14.07 16.57 -23.33
N THR C 35 15.03 15.76 -23.80
CA THR C 35 14.88 14.80 -24.89
C THR C 35 14.72 15.46 -26.26
N LYS C 36 14.88 16.79 -26.36
CA LYS C 36 14.71 17.47 -27.64
C LYS C 36 15.69 16.94 -28.69
N ASP C 37 16.94 16.70 -28.29
CA ASP C 37 17.98 16.25 -29.21
C ASP C 37 17.71 14.85 -29.74
N ARG C 38 17.27 13.95 -28.87
CA ARG C 38 16.95 12.60 -29.32
C ARG C 38 15.70 12.61 -30.19
N ALA C 39 14.74 13.46 -29.84
CA ALA C 39 13.57 13.65 -30.69
C ALA C 39 13.98 14.18 -32.05
N ASN C 40 14.84 15.20 -32.08
CA ASN C 40 15.34 15.68 -33.36
C ASN C 40 15.98 14.52 -34.11
N ASP C 41 16.93 13.84 -33.46
CA ASP C 41 17.71 12.78 -34.10
C ASP C 41 16.82 11.63 -34.56
N ASP C 42 15.77 11.29 -33.80
CA ASP C 42 14.90 10.21 -34.26
C ASP C 42 14.08 10.63 -35.48
N LEU C 43 13.74 11.91 -35.61
CA LEU C 43 12.92 12.34 -36.74
C LEU C 43 13.66 12.19 -38.05
N LEU C 44 14.86 12.76 -38.15
CA LEU C 44 15.68 12.58 -39.34
C LEU C 44 15.73 11.12 -39.77
N SER C 45 16.27 10.27 -38.90
CA SER C 45 16.47 8.86 -39.23
C SER C 45 15.17 8.13 -39.53
N GLU C 46 14.01 8.68 -39.18
CA GLU C 46 12.76 8.00 -39.40
C GLU C 46 12.03 8.50 -40.64
N PHE C 47 12.16 9.80 -40.95
CA PHE C 47 11.66 10.39 -42.20
C PHE C 47 12.80 11.12 -42.90
N PRO C 48 13.71 10.38 -43.55
CA PRO C 48 14.81 11.06 -44.27
C PRO C 48 14.32 12.20 -45.14
N ASP C 49 13.18 11.98 -45.81
CA ASP C 49 12.73 12.91 -46.84
C ASP C 49 12.16 14.19 -46.26
N LYS C 50 11.76 14.21 -45.00
CA LYS C 50 10.97 15.34 -44.52
C LYS C 50 11.77 16.44 -43.86
N PHE C 51 12.93 16.14 -43.32
CA PHE C 51 13.63 17.11 -42.49
C PHE C 51 14.97 17.49 -43.12
N GLY C 52 15.34 18.77 -42.94
CA GLY C 52 16.63 19.23 -43.38
C GLY C 52 17.25 20.12 -42.32
N SER C 53 18.49 20.51 -42.58
CA SER C 53 19.24 21.38 -41.71
C SER C 53 19.70 22.56 -42.54
N CYS C 54 19.72 23.75 -41.95
CA CYS C 54 20.16 24.90 -42.69
C CYS C 54 21.67 25.07 -42.62
N VAL C 55 22.19 25.92 -43.48
CA VAL C 55 23.62 26.14 -43.65
C VAL C 55 24.00 27.43 -42.91
N PRO C 56 25.03 27.42 -42.07
CA PRO C 56 25.39 28.61 -41.30
C PRO C 56 26.32 29.52 -42.10
N HIS C 57 26.51 30.73 -41.57
CA HIS C 57 27.48 31.70 -42.05
C HIS C 57 28.69 31.75 -41.14
N THR C 58 29.79 32.25 -41.71
CA THR C 58 30.99 32.57 -40.96
C THR C 58 31.75 33.65 -41.72
N THR C 59 32.47 34.48 -40.97
CA THR C 59 33.43 35.40 -41.57
C THR C 59 34.86 34.84 -41.59
N ARG C 60 35.11 33.74 -40.90
CA ARG C 60 36.40 33.09 -40.98
C ARG C 60 36.71 32.71 -42.42
N PRO C 61 37.92 32.94 -42.90
CA PRO C 61 38.25 32.54 -44.26
C PRO C 61 38.03 31.04 -44.45
N LYS C 62 37.45 30.71 -45.60
CA LYS C 62 37.23 29.33 -45.98
C LYS C 62 38.56 28.60 -46.15
N ARG C 63 38.57 27.33 -45.79
CA ARG C 63 39.75 26.51 -46.04
C ARG C 63 39.71 25.86 -47.40
N GLU C 64 40.82 25.21 -47.72
CA GLU C 64 41.03 24.70 -49.07
C GLU C 64 39.94 23.70 -49.47
N TYR C 65 39.61 22.78 -48.57
CA TYR C 65 38.66 21.72 -48.86
C TYR C 65 37.26 22.01 -48.34
N GLU C 66 37.04 23.18 -47.78
CA GLU C 66 35.67 23.54 -47.45
C GLU C 66 34.95 23.95 -48.72
N ILE C 67 33.63 23.84 -48.70
CA ILE C 67 32.81 24.16 -49.86
C ILE C 67 31.90 25.31 -49.50
N ASP C 68 32.01 26.41 -50.23
CA ASP C 68 31.17 27.56 -49.94
C ASP C 68 29.74 27.23 -50.33
N GLY C 69 28.81 27.67 -49.49
CA GLY C 69 27.42 27.33 -49.67
C GLY C 69 27.03 25.97 -49.14
N ARG C 70 27.98 25.15 -48.69
CA ARG C 70 27.61 23.85 -48.15
C ARG C 70 28.08 23.65 -46.72
N ASP C 71 29.37 23.90 -46.46
CA ASP C 71 29.82 23.85 -45.07
C ASP C 71 29.44 25.14 -44.36
N TYR C 72 29.68 26.26 -45.02
CA TYR C 72 29.28 27.58 -44.56
C TYR C 72 28.97 28.45 -45.77
N HIS C 73 28.21 29.51 -45.52
CA HIS C 73 28.22 30.70 -46.34
C HIS C 73 29.31 31.61 -45.80
N PHE C 74 30.39 31.77 -46.55
CA PHE C 74 31.54 32.52 -46.07
C PHE C 74 31.34 33.98 -46.46
N VAL C 75 31.25 34.85 -45.46
CA VAL C 75 31.20 36.29 -45.67
C VAL C 75 32.61 36.82 -45.61
N SER C 76 33.08 37.40 -46.72
CA SER C 76 34.43 37.96 -46.69
C SER C 76 34.47 39.32 -46.02
N SER C 77 33.39 40.08 -46.16
CA SER C 77 33.30 41.40 -45.52
C SER C 77 32.74 41.28 -44.11
N ARG C 78 33.59 40.88 -43.17
CA ARG C 78 33.17 40.71 -41.78
C ARG C 78 32.39 41.92 -41.28
N GLU C 79 32.61 43.07 -41.91
CA GLU C 79 31.94 44.29 -41.51
C GLU C 79 30.48 44.29 -41.95
N LYS C 80 30.17 43.48 -42.97
CA LYS C 80 28.82 43.42 -43.50
C LYS C 80 27.95 42.47 -42.68
N MET C 81 28.49 41.33 -42.23
CA MET C 81 27.68 40.44 -41.40
C MET C 81 27.46 41.08 -40.04
N GLU C 82 28.44 41.85 -39.55
CA GLU C 82 28.17 42.60 -38.35
C GLU C 82 27.02 43.58 -38.58
N LYS C 83 26.88 44.08 -39.80
CA LYS C 83 25.73 44.92 -40.12
C LYS C 83 24.46 44.09 -40.30
N ASP C 84 24.58 42.90 -40.90
CA ASP C 84 23.41 42.05 -41.09
C ASP C 84 22.85 41.55 -39.76
N ILE C 85 23.73 41.21 -38.81
CA ILE C 85 23.27 40.82 -37.48
C ILE C 85 22.51 41.97 -36.83
N GLN C 86 23.09 43.17 -36.86
CA GLN C 86 22.43 44.34 -36.27
C GLN C 86 21.12 44.65 -36.99
N ALA C 87 21.03 44.36 -38.28
CA ALA C 87 19.78 44.44 -39.02
C ALA C 87 18.84 43.26 -38.75
N HIS C 88 19.12 42.45 -37.70
CA HIS C 88 18.22 41.38 -37.24
C HIS C 88 18.01 40.27 -38.27
N LYS C 89 19.02 39.92 -39.05
CA LYS C 89 18.81 38.87 -40.05
C LYS C 89 19.32 37.52 -39.60
N PHE C 90 19.86 37.41 -38.39
CA PHE C 90 20.34 36.16 -37.83
C PHE C 90 19.52 35.79 -36.60
N ILE C 91 19.18 34.51 -36.49
CA ILE C 91 18.44 34.02 -35.33
C ILE C 91 19.36 33.61 -34.20
N GLU C 92 20.65 33.52 -34.46
CA GLU C 92 21.59 32.98 -33.49
C GLU C 92 22.97 33.38 -33.99
N ALA C 93 23.81 33.87 -33.06
CA ALA C 93 25.08 34.42 -33.51
C ALA C 93 26.07 34.44 -32.36
N GLY C 94 27.34 34.46 -32.71
CA GLY C 94 28.42 34.49 -31.73
C GLY C 94 29.74 34.80 -32.41
N GLN C 95 30.77 34.97 -31.59
CA GLN C 95 32.11 35.28 -32.06
C GLN C 95 33.11 34.33 -31.41
N TYR C 96 34.03 33.77 -32.20
CA TYR C 96 35.00 32.81 -31.71
C TYR C 96 36.33 32.98 -32.44
N ASN C 97 37.42 33.07 -31.69
CA ASN C 97 38.72 33.46 -32.25
C ASN C 97 38.60 34.61 -33.24
N SER C 98 37.87 35.64 -32.83
CA SER C 98 37.72 36.90 -33.56
C SER C 98 36.94 36.78 -34.86
N HIS C 99 36.27 35.66 -35.11
CA HIS C 99 35.45 35.50 -36.30
C HIS C 99 34.02 35.16 -35.91
N LEU C 100 33.07 35.69 -36.67
CA LEU C 100 31.66 35.52 -36.37
C LEU C 100 31.11 34.26 -37.05
N TYR C 101 30.14 33.66 -36.38
CA TYR C 101 29.39 32.51 -36.87
C TYR C 101 27.93 32.77 -36.54
N GLY C 102 27.02 32.35 -37.41
CA GLY C 102 25.62 32.58 -37.14
C GLY C 102 24.72 31.82 -38.08
N THR C 103 23.46 31.67 -37.64
CA THR C 103 22.41 31.03 -38.44
C THR C 103 21.45 32.11 -38.93
N SER C 104 21.46 32.36 -40.23
CA SER C 104 20.68 33.45 -40.80
C SER C 104 19.21 33.06 -40.98
N VAL C 105 18.37 34.10 -40.97
CA VAL C 105 16.95 33.94 -41.35
C VAL C 105 16.82 33.27 -42.71
N GLN C 106 17.71 33.61 -43.65
CA GLN C 106 17.54 33.14 -45.02
C GLN C 106 17.85 31.65 -45.18
N SER C 107 18.86 31.15 -44.46
CA SER C 107 19.20 29.73 -44.58
C SER C 107 18.06 28.86 -44.11
N VAL C 108 17.36 29.32 -43.06
CA VAL C 108 16.12 28.65 -42.65
C VAL C 108 15.08 28.84 -43.72
N ARG C 109 15.00 30.03 -44.28
CA ARG C 109 14.01 30.29 -45.30
C ARG C 109 14.22 29.42 -46.53
N GLU C 110 15.48 29.19 -46.88
CA GLU C 110 15.82 28.39 -48.06
C GLU C 110 15.53 26.89 -47.87
N VAL C 111 15.72 26.36 -46.66
CA VAL C 111 15.38 24.97 -46.41
C VAL C 111 13.86 24.78 -46.45
N ALA C 112 13.11 25.75 -45.92
CA ALA C 112 11.65 25.68 -45.95
C ALA C 112 11.12 25.71 -47.38
N GLU C 113 11.77 26.46 -48.27
CA GLU C 113 11.30 26.56 -49.65
C GLU C 113 11.56 25.32 -50.47
N GLN C 114 12.37 24.39 -50.00
CA GLN C 114 12.52 23.08 -50.64
C GLN C 114 11.49 22.07 -50.16
N GLY C 115 10.45 22.51 -49.46
CA GLY C 115 9.48 21.57 -48.93
C GLY C 115 9.96 20.74 -47.77
N LYS C 116 11.16 21.01 -47.24
CA LYS C 116 11.70 20.23 -46.14
C LYS C 116 11.51 20.99 -44.82
N HIS C 117 11.17 20.25 -43.77
CA HIS C 117 11.11 20.81 -42.43
C HIS C 117 12.51 21.00 -41.87
N CYS C 118 12.79 22.21 -41.38
CA CYS C 118 14.13 22.55 -40.92
C CYS C 118 14.20 22.31 -39.41
N ILE C 119 14.88 21.25 -39.00
CA ILE C 119 15.08 20.99 -37.58
C ILE C 119 16.17 21.91 -37.06
N LEU C 120 15.85 22.64 -36.00
CA LEU C 120 16.72 23.67 -35.46
C LEU C 120 16.98 23.41 -34.00
N ASP C 121 18.25 23.48 -33.61
CA ASP C 121 18.64 23.44 -32.21
C ASP C 121 19.00 24.86 -31.76
N VAL C 122 17.98 25.62 -31.39
CA VAL C 122 18.15 27.02 -31.04
C VAL C 122 17.37 27.33 -29.76
N SER C 123 17.72 28.45 -29.14
CA SER C 123 17.03 28.94 -27.94
C SER C 123 15.60 29.38 -28.26
N ALA C 124 14.85 29.70 -27.21
CA ALA C 124 13.48 30.17 -27.39
C ALA C 124 13.43 31.60 -27.91
N ASN C 125 14.44 32.43 -27.56
CA ASN C 125 14.54 33.72 -28.25
C ASN C 125 14.69 33.53 -29.75
N ALA C 126 15.49 32.54 -30.16
CA ALA C 126 15.63 32.27 -31.58
C ALA C 126 14.28 31.90 -32.17
N VAL C 127 13.45 31.18 -31.43
CA VAL C 127 12.09 30.92 -31.88
C VAL C 127 11.37 32.24 -32.08
N ARG C 128 11.53 33.17 -31.13
CA ARG C 128 10.87 34.46 -31.20
C ARG C 128 11.18 35.21 -32.49
N ARG C 129 12.43 35.11 -32.93
CA ARG C 129 12.85 35.87 -34.10
C ARG C 129 12.39 35.24 -35.40
N LEU C 130 12.22 33.92 -35.40
CA LEU C 130 11.65 33.28 -36.59
C LEU C 130 10.17 33.60 -36.69
N GLN C 131 9.53 33.85 -35.54
CA GLN C 131 8.16 34.32 -35.57
C GLN C 131 8.09 35.78 -36.00
N ALA C 132 9.01 36.61 -35.50
CA ALA C 132 9.05 38.02 -35.89
C ALA C 132 9.42 38.19 -37.35
N ALA C 133 10.14 37.23 -37.93
CA ALA C 133 10.54 37.29 -39.32
C ALA C 133 9.60 36.52 -40.24
N HIS C 134 8.44 36.11 -39.73
CA HIS C 134 7.37 35.50 -40.51
C HIS C 134 7.77 34.16 -41.10
N LEU C 135 8.73 33.46 -40.49
CA LEU C 135 9.08 32.13 -40.95
C LEU C 135 8.20 31.05 -40.35
N HIS C 136 7.30 31.41 -39.46
CA HIS C 136 6.30 30.53 -38.87
C HIS C 136 6.88 29.22 -38.34
N PRO C 137 7.63 29.25 -37.23
CA PRO C 137 8.16 28.00 -36.66
C PRO C 137 7.06 27.13 -36.08
N ILE C 138 7.35 25.83 -36.01
CA ILE C 138 6.62 24.91 -35.14
C ILE C 138 7.45 24.74 -33.88
N ALA C 139 7.01 25.33 -32.78
CA ALA C 139 7.75 25.28 -31.54
C ALA C 139 7.01 24.37 -30.56
N ILE C 140 7.56 23.17 -30.37
CA ILE C 140 7.05 22.17 -29.45
C ILE C 140 7.90 22.20 -28.20
N PHE C 141 7.26 22.35 -27.05
CA PHE C 141 7.96 22.33 -25.78
C PHE C 141 7.65 21.02 -25.06
N ILE C 142 8.68 20.31 -24.63
CA ILE C 142 8.48 19.06 -23.91
C ILE C 142 8.60 19.38 -22.44
N ARG C 143 7.48 19.31 -21.73
CA ARG C 143 7.46 19.66 -20.34
C ARG C 143 7.71 18.45 -19.46
N PRO C 144 8.70 18.48 -18.58
CA PRO C 144 8.76 17.46 -17.53
C PRO C 144 7.62 17.59 -16.53
N ARG C 145 7.06 16.44 -16.12
CA ARG C 145 6.05 16.46 -15.08
C ARG C 145 6.61 16.56 -13.68
N SER C 146 7.92 16.38 -13.52
CA SER C 146 8.55 16.27 -12.21
C SER C 146 10.03 16.02 -12.43
N LEU C 147 10.80 16.16 -11.35
CA LEU C 147 12.21 15.78 -11.40
C LEU C 147 12.35 14.30 -11.76
N GLU C 148 11.53 13.44 -11.16
CA GLU C 148 11.60 12.00 -11.39
C GLU C 148 11.26 11.64 -12.82
N ASN C 149 10.31 12.36 -13.42
CA ASN C 149 9.95 12.11 -14.81
C ASN C 149 11.09 12.45 -15.77
N VAL C 150 11.92 13.46 -15.47
CA VAL C 150 13.10 13.68 -16.31
C VAL C 150 13.88 12.38 -16.44
N LEU C 151 14.08 11.68 -15.32
CA LEU C 151 14.80 10.42 -15.39
C LEU C 151 13.93 9.26 -15.86
N GLU C 152 12.60 9.39 -15.81
CA GLU C 152 11.74 8.42 -16.48
C GLU C 152 11.91 8.48 -18.00
N ILE C 153 12.09 9.69 -18.52
CA ILE C 153 12.13 9.89 -19.96
C ILE C 153 13.56 9.95 -20.50
N ASN C 154 14.56 10.23 -19.66
CA ASN C 154 15.96 10.26 -20.09
C ASN C 154 16.73 9.31 -19.18
N LYS C 155 17.00 8.10 -19.67
CA LYS C 155 17.70 7.10 -18.87
C LYS C 155 19.21 7.23 -18.91
N ARG C 156 19.75 8.12 -19.74
CA ARG C 156 21.19 8.27 -19.93
C ARG C 156 21.74 9.52 -19.25
N ILE C 157 21.11 9.97 -18.17
CA ILE C 157 21.59 11.12 -17.41
C ILE C 157 21.57 10.77 -15.94
N THR C 158 22.32 11.54 -15.16
CA THR C 158 22.43 11.31 -13.73
C THR C 158 21.51 12.26 -12.98
N GLU C 159 21.40 12.05 -11.67
CA GLU C 159 20.40 12.75 -10.87
C GLU C 159 20.63 14.25 -10.87
N GLU C 160 21.89 14.68 -10.83
CA GLU C 160 22.19 16.11 -10.81
C GLU C 160 21.90 16.76 -12.15
N GLN C 161 22.12 16.03 -13.24
CA GLN C 161 21.79 16.58 -14.55
C GLN C 161 20.28 16.68 -14.71
N ALA C 162 19.55 15.72 -14.14
CA ALA C 162 18.09 15.79 -14.17
C ALA C 162 17.60 16.98 -13.36
N ARG C 163 18.28 17.27 -12.24
CA ARG C 163 17.91 18.44 -11.45
C ARG C 163 18.09 19.71 -12.25
N LYS C 164 19.27 19.93 -12.81
CA LYS C 164 19.50 21.12 -13.62
C LYS C 164 18.58 21.17 -14.83
N ALA C 165 18.32 20.01 -15.46
CA ALA C 165 17.47 19.98 -16.64
C ALA C 165 16.04 20.31 -16.30
N PHE C 166 15.57 19.86 -15.13
CA PHE C 166 14.21 20.12 -14.73
C PHE C 166 14.01 21.61 -14.47
N ASP C 167 14.94 22.23 -13.75
CA ASP C 167 14.82 23.64 -13.42
C ASP C 167 15.07 24.52 -14.64
N ARG C 168 15.78 24.00 -15.64
CA ARG C 168 15.91 24.71 -16.89
C ARG C 168 14.60 24.74 -17.65
N ALA C 169 13.83 23.65 -17.56
CA ALA C 169 12.54 23.59 -18.25
C ALA C 169 11.47 24.41 -17.56
N THR C 170 11.49 24.46 -16.22
CA THR C 170 10.46 25.25 -15.54
C THR C 170 10.72 26.75 -15.69
N LYS C 171 11.99 27.17 -15.64
CA LYS C 171 12.31 28.56 -15.94
C LYS C 171 11.87 28.92 -17.37
N LEU C 172 12.10 28.01 -18.32
CA LEU C 172 11.84 28.33 -19.72
C LEU C 172 10.37 28.25 -20.10
N GLU C 173 9.56 27.45 -19.40
CA GLU C 173 8.15 27.40 -19.76
C GLU C 173 7.47 28.74 -19.55
N GLN C 174 7.57 29.28 -18.34
CA GLN C 174 6.75 30.44 -18.02
C GLN C 174 7.22 31.70 -18.72
N GLU C 175 8.50 31.80 -19.08
CA GLU C 175 8.87 32.97 -19.86
C GLU C 175 8.42 32.86 -21.31
N PHE C 176 8.54 31.68 -21.91
CA PHE C 176 8.35 31.56 -23.35
C PHE C 176 7.11 30.75 -23.69
N THR C 177 6.11 30.71 -22.80
CA THR C 177 4.89 29.95 -23.03
C THR C 177 4.13 30.49 -24.24
N GLU C 178 3.99 31.81 -24.34
CA GLU C 178 3.19 32.43 -25.38
C GLU C 178 3.80 32.23 -26.77
N CYS C 179 4.86 31.45 -26.88
CA CYS C 179 5.50 31.20 -28.15
C CYS C 179 5.54 29.73 -28.54
N PHE C 180 5.04 28.83 -27.70
CA PHE C 180 5.04 27.41 -28.06
C PHE C 180 3.89 27.13 -29.02
N SER C 181 4.17 26.29 -30.03
CA SER C 181 3.07 25.78 -30.83
C SER C 181 2.29 24.73 -30.06
N ALA C 182 2.98 24.00 -29.20
CA ALA C 182 2.38 22.92 -28.42
C ALA C 182 3.25 22.63 -27.22
N ILE C 183 2.62 22.13 -26.17
CA ILE C 183 3.34 21.57 -25.03
C ILE C 183 2.93 20.12 -24.91
N VAL C 184 3.93 19.23 -24.92
CA VAL C 184 3.70 17.78 -24.92
C VAL C 184 4.31 17.22 -23.65
N GLU C 185 3.75 16.09 -23.20
CA GLU C 185 4.20 15.46 -21.97
C GLU C 185 4.11 13.95 -22.14
N GLY C 186 4.79 13.22 -21.26
CA GLY C 186 4.71 11.78 -21.29
C GLY C 186 5.50 11.18 -20.15
N ASP C 187 5.06 9.99 -19.74
CA ASP C 187 5.76 9.20 -18.73
C ASP C 187 6.88 8.36 -19.32
N SER C 188 6.95 8.26 -20.64
CA SER C 188 8.02 7.56 -21.34
C SER C 188 8.43 8.45 -22.51
N PHE C 189 9.67 8.26 -22.98
CA PHE C 189 10.12 9.05 -24.12
C PHE C 189 9.24 8.80 -25.36
N GLU C 190 8.94 7.53 -25.69
CA GLU C 190 8.16 7.29 -26.91
C GLU C 190 6.80 7.94 -26.85
N GLU C 191 6.19 8.04 -25.66
CA GLU C 191 4.96 8.80 -25.57
C GLU C 191 5.21 10.24 -25.96
N ILE C 192 6.30 10.84 -25.44
CA ILE C 192 6.65 12.18 -25.87
C ILE C 192 6.92 12.21 -27.37
N TYR C 193 7.72 11.25 -27.83
CA TYR C 193 8.10 11.21 -29.24
C TYR C 193 6.90 11.04 -30.14
N HIS C 194 5.94 10.24 -29.69
CA HIS C 194 4.73 10.02 -30.49
C HIS C 194 3.87 11.29 -30.51
N LYS C 195 3.83 12.03 -29.40
CA LYS C 195 3.05 13.26 -29.37
C LYS C 195 3.75 14.38 -30.12
N VAL C 196 5.09 14.40 -30.06
CA VAL C 196 5.87 15.33 -30.88
C VAL C 196 5.55 15.12 -32.35
N LYS C 197 5.44 13.86 -32.76
CA LYS C 197 5.09 13.53 -34.14
C LYS C 197 3.67 13.96 -34.45
N ARG C 198 2.80 13.86 -33.45
CA ARG C 198 1.41 14.23 -33.58
C ARG C 198 1.25 15.74 -33.79
N VAL C 199 2.02 16.53 -33.04
CA VAL C 199 2.00 17.99 -33.21
C VAL C 199 2.38 18.37 -34.63
N ILE C 200 3.51 17.82 -35.12
CA ILE C 200 3.99 18.11 -36.47
C ILE C 200 2.95 17.69 -37.50
N GLU C 201 2.27 16.57 -37.24
CA GLU C 201 1.28 16.05 -38.18
C GLU C 201 0.07 16.96 -38.26
N ASP C 202 -0.29 17.60 -37.15
CA ASP C 202 -1.49 18.45 -37.13
C ASP C 202 -1.26 19.82 -37.72
N LEU C 203 -0.04 20.34 -37.64
CA LEU C 203 0.22 21.72 -37.97
C LEU C 203 0.95 21.90 -39.30
N SER C 204 1.21 20.82 -40.02
CA SER C 204 1.88 20.88 -41.32
C SER C 204 0.87 20.72 -42.45
N GLY C 205 -0.13 21.61 -42.45
CA GLY C 205 -1.20 21.59 -43.42
C GLY C 205 -0.73 21.84 -44.83
N HIS D 24 13.47 -1.31 2.24
CA HIS D 24 12.45 -2.35 2.20
C HIS D 24 11.07 -1.77 1.88
N TYR D 25 10.04 -2.47 2.32
CA TYR D 25 8.66 -2.01 2.16
C TYR D 25 8.10 -1.65 3.53
N ALA D 26 7.45 -0.49 3.61
CA ALA D 26 6.81 -0.05 4.84
C ALA D 26 5.32 0.12 4.60
N ARG D 27 4.52 -0.38 5.54
CA ARG D 27 3.08 -0.45 5.35
C ARG D 27 2.41 0.88 5.65
N PRO D 28 1.46 1.31 4.83
CA PRO D 28 0.70 2.52 5.16
C PRO D 28 -0.09 2.31 6.45
N ILE D 29 -0.27 3.40 7.20
CA ILE D 29 -0.93 3.35 8.50
C ILE D 29 -2.16 4.26 8.45
N ILE D 30 -3.32 3.71 8.79
CA ILE D 30 -4.57 4.47 8.87
C ILE D 30 -5.23 4.21 10.22
N ILE D 31 -5.40 5.27 11.00
CA ILE D 31 -6.03 5.26 12.31
C ILE D 31 -7.46 5.76 12.16
N LEU D 32 -8.41 5.05 12.80
CA LEU D 32 -9.83 5.35 12.71
C LEU D 32 -10.41 5.50 14.11
N GLY D 33 -11.46 6.30 14.22
CA GLY D 33 -12.12 6.54 15.49
C GLY D 33 -11.74 7.88 16.08
N PRO D 34 -12.30 8.22 17.26
CA PRO D 34 -11.92 9.48 17.91
C PRO D 34 -10.42 9.48 18.18
N THR D 35 -9.85 10.69 18.29
CA THR D 35 -8.43 10.94 18.57
C THR D 35 -7.50 10.57 17.42
N LYS D 36 -8.03 10.18 16.25
CA LYS D 36 -7.14 9.75 15.18
C LYS D 36 -6.17 10.86 14.74
N ASP D 37 -6.63 12.12 14.59
CA ASP D 37 -5.72 13.16 14.11
C ASP D 37 -4.58 13.38 15.10
N ARG D 38 -4.92 13.35 16.37
CA ARG D 38 -3.90 13.56 17.39
C ARG D 38 -2.96 12.36 17.45
N ALA D 39 -3.50 11.16 17.25
CA ALA D 39 -2.64 9.98 17.13
C ALA D 39 -1.68 10.13 15.97
N ASN D 40 -2.20 10.53 14.80
CA ASN D 40 -1.36 10.77 13.63
C ASN D 40 -0.30 11.81 13.93
N ASP D 41 -0.70 12.99 14.42
CA ASP D 41 0.26 14.06 14.65
C ASP D 41 1.32 13.65 15.67
N ASP D 42 0.90 12.96 16.74
CA ASP D 42 1.84 12.61 17.79
C ASP D 42 2.82 11.55 17.35
N LEU D 43 2.38 10.62 16.49
CA LEU D 43 3.31 9.64 15.94
C LEU D 43 4.30 10.29 14.98
N LEU D 44 3.82 11.27 14.21
CA LEU D 44 4.67 12.03 13.32
C LEU D 44 5.69 12.85 14.10
N SER D 45 5.32 13.30 15.30
CA SER D 45 6.21 14.10 16.12
C SER D 45 7.21 13.26 16.89
N GLU D 46 6.95 11.96 17.01
CA GLU D 46 7.79 11.11 17.85
C GLU D 46 8.76 10.28 17.02
N PHE D 47 8.35 9.86 15.82
CA PHE D 47 9.24 9.19 14.87
C PHE D 47 9.20 9.90 13.55
N PRO D 48 9.73 11.13 13.45
CA PRO D 48 9.75 11.83 12.16
C PRO D 48 10.30 11.01 11.01
N ASP D 49 11.41 10.31 11.22
CA ASP D 49 12.13 9.65 10.14
C ASP D 49 11.46 8.38 9.64
N LYS D 50 10.45 7.89 10.34
CA LYS D 50 9.86 6.61 10.00
C LYS D 50 8.67 6.78 9.06
N PHE D 51 8.20 8.02 8.93
CA PHE D 51 7.01 8.39 8.18
C PHE D 51 7.39 9.29 7.00
N GLY D 52 6.56 9.25 5.97
CA GLY D 52 6.75 10.06 4.79
C GLY D 52 5.43 10.66 4.32
N SER D 53 5.51 11.60 3.40
CA SER D 53 4.30 12.26 2.90
C SER D 53 3.96 11.83 1.48
N CYS D 54 2.68 11.55 1.26
CA CYS D 54 2.20 11.15 -0.06
C CYS D 54 1.79 12.37 -0.88
N VAL D 55 1.92 12.27 -2.20
CA VAL D 55 1.70 13.41 -3.09
C VAL D 55 0.34 13.26 -3.75
N PRO D 56 -0.52 14.26 -3.67
CA PRO D 56 -1.86 14.15 -4.26
C PRO D 56 -1.84 14.63 -5.70
N HIS D 57 -2.93 14.30 -6.40
CA HIS D 57 -3.17 14.79 -7.74
C HIS D 57 -4.24 15.85 -7.74
N THR D 58 -4.20 16.66 -8.80
CA THR D 58 -5.22 17.64 -9.11
C THR D 58 -5.20 17.91 -10.59
N THR D 59 -6.37 18.27 -11.12
CA THR D 59 -6.46 18.77 -12.48
C THR D 59 -6.35 20.30 -12.52
N ARG D 60 -6.34 20.95 -11.35
CA ARG D 60 -6.23 22.40 -11.31
C ARG D 60 -4.91 22.82 -11.96
N PRO D 61 -4.91 23.81 -12.85
CA PRO D 61 -3.64 24.25 -13.47
C PRO D 61 -2.67 24.71 -12.41
N LYS D 62 -1.41 24.33 -12.59
CA LYS D 62 -0.35 24.67 -11.63
C LYS D 62 -0.22 26.19 -11.50
N ARG D 63 0.09 26.64 -10.28
CA ARG D 63 0.39 28.05 -10.10
C ARG D 63 1.87 28.34 -10.31
N GLU D 64 2.19 29.63 -10.29
CA GLU D 64 3.52 30.07 -10.68
C GLU D 64 4.59 29.46 -9.77
N TYR D 65 4.36 29.45 -8.46
CA TYR D 65 5.36 28.97 -7.52
C TYR D 65 5.10 27.55 -7.07
N GLU D 66 4.07 26.93 -7.61
CA GLU D 66 3.91 25.51 -7.40
C GLU D 66 4.86 24.77 -8.33
N ILE D 67 5.27 23.59 -7.92
CA ILE D 67 6.17 22.75 -8.68
C ILE D 67 5.51 21.41 -8.85
N ASP D 68 5.29 21.00 -10.09
CA ASP D 68 4.59 19.75 -10.35
C ASP D 68 5.44 18.58 -9.87
N GLY D 69 4.78 17.57 -9.32
CA GLY D 69 5.47 16.47 -8.69
C GLY D 69 5.90 16.74 -7.27
N ARG D 70 5.83 18.01 -6.83
CA ARG D 70 6.17 18.40 -5.47
C ARG D 70 4.95 18.89 -4.69
N ASP D 71 4.21 19.87 -5.22
CA ASP D 71 2.99 20.33 -4.60
C ASP D 71 1.84 19.37 -4.91
N TYR D 72 1.74 19.00 -6.18
CA TYR D 72 0.78 18.03 -6.67
C TYR D 72 1.41 17.30 -7.84
N HIS D 73 0.79 16.19 -8.23
CA HIS D 73 0.92 15.72 -9.59
C HIS D 73 -0.19 16.42 -10.37
N PHE D 74 0.18 17.38 -11.21
CA PHE D 74 -0.80 18.13 -11.98
C PHE D 74 -1.12 17.38 -13.25
N VAL D 75 -2.38 17.02 -13.43
CA VAL D 75 -2.84 16.41 -14.67
C VAL D 75 -3.36 17.53 -15.57
N SER D 76 -2.77 17.64 -16.76
CA SER D 76 -3.16 18.67 -17.71
C SER D 76 -4.47 18.32 -18.37
N SER D 77 -4.76 17.02 -18.48
CA SER D 77 -5.96 16.48 -19.11
C SER D 77 -6.91 16.07 -17.99
N ARG D 78 -7.96 16.84 -17.78
CA ARG D 78 -8.95 16.47 -16.78
C ARG D 78 -9.65 15.16 -17.14
N GLU D 79 -9.96 14.96 -18.42
CA GLU D 79 -10.58 13.71 -18.86
C GLU D 79 -9.76 12.52 -18.42
N LYS D 80 -8.43 12.61 -18.56
CA LYS D 80 -7.55 11.53 -18.16
C LYS D 80 -7.67 11.20 -16.67
N MET D 81 -7.74 12.21 -15.81
CA MET D 81 -7.80 11.90 -14.39
C MET D 81 -9.15 11.31 -13.99
N GLU D 82 -10.24 11.75 -14.65
CA GLU D 82 -11.54 11.12 -14.42
C GLU D 82 -11.53 9.65 -14.80
N LYS D 83 -10.91 9.29 -15.93
CA LYS D 83 -10.87 7.88 -16.32
C LYS D 83 -10.01 7.06 -15.36
N ASP D 84 -8.88 7.62 -14.93
CA ASP D 84 -8.03 6.92 -13.99
C ASP D 84 -8.72 6.72 -12.64
N ILE D 85 -9.53 7.70 -12.21
CA ILE D 85 -10.31 7.48 -11.00
C ILE D 85 -11.24 6.29 -11.20
N GLN D 86 -11.82 6.18 -12.40
CA GLN D 86 -12.68 5.05 -12.71
C GLN D 86 -11.90 3.75 -12.85
N ALA D 87 -10.61 3.82 -13.14
CA ALA D 87 -9.75 2.66 -13.17
C ALA D 87 -9.25 2.25 -11.79
N HIS D 88 -9.85 2.78 -10.72
CA HIS D 88 -9.54 2.42 -9.33
C HIS D 88 -8.12 2.80 -8.94
N LYS D 89 -7.56 3.82 -9.58
CA LYS D 89 -6.19 4.18 -9.28
C LYS D 89 -6.09 5.21 -8.16
N PHE D 90 -7.22 5.62 -7.60
CA PHE D 90 -7.27 6.56 -6.50
C PHE D 90 -7.99 5.92 -5.32
N ILE D 91 -7.44 6.14 -4.14
CA ILE D 91 -8.04 5.64 -2.90
C ILE D 91 -9.01 6.66 -2.32
N GLU D 92 -9.03 7.88 -2.84
CA GLU D 92 -9.75 9.00 -2.27
C GLU D 92 -9.81 10.08 -3.33
N ALA D 93 -10.95 10.75 -3.45
CA ALA D 93 -11.07 11.76 -4.50
C ALA D 93 -12.22 12.70 -4.19
N GLY D 94 -12.12 13.90 -4.74
CA GLY D 94 -13.14 14.91 -4.58
C GLY D 94 -12.91 16.00 -5.59
N GLN D 95 -13.89 16.89 -5.68
CA GLN D 95 -13.89 18.01 -6.62
C GLN D 95 -14.12 19.30 -5.86
N TYR D 96 -13.32 20.32 -6.18
CA TYR D 96 -13.41 21.62 -5.55
C TYR D 96 -13.27 22.72 -6.61
N ASN D 97 -14.23 23.64 -6.64
CA ASN D 97 -14.32 24.65 -7.71
C ASN D 97 -13.93 24.07 -9.07
N SER D 98 -14.59 23.00 -9.46
CA SER D 98 -14.49 22.37 -10.77
C SER D 98 -13.16 21.67 -11.04
N HIS D 99 -12.32 21.41 -10.04
CA HIS D 99 -11.13 20.61 -10.29
C HIS D 99 -11.07 19.45 -9.30
N LEU D 100 -10.61 18.30 -9.79
CA LEU D 100 -10.54 17.06 -9.02
C LEU D 100 -9.23 16.95 -8.24
N TYR D 101 -9.31 16.30 -7.08
CA TYR D 101 -8.17 16.04 -6.20
C TYR D 101 -8.22 14.63 -5.67
N GLY D 102 -7.08 13.99 -5.51
CA GLY D 102 -7.08 12.64 -4.98
C GLY D 102 -5.67 12.17 -4.66
N THR D 103 -5.63 11.12 -3.84
CA THR D 103 -4.39 10.43 -3.49
C THR D 103 -4.39 9.11 -4.24
N SER D 104 -3.43 8.96 -5.16
CA SER D 104 -3.40 7.78 -6.00
C SER D 104 -2.85 6.59 -5.23
N VAL D 105 -3.21 5.38 -5.68
CA VAL D 105 -2.58 4.18 -5.16
C VAL D 105 -1.07 4.27 -5.26
N GLN D 106 -0.55 4.75 -6.41
CA GLN D 106 0.88 4.67 -6.66
C GLN D 106 1.64 5.68 -5.81
N SER D 107 1.01 6.83 -5.51
CA SER D 107 1.68 7.81 -4.65
C SER D 107 1.95 7.20 -3.29
N VAL D 108 0.99 6.42 -2.78
CA VAL D 108 1.19 5.65 -1.55
C VAL D 108 2.25 4.58 -1.76
N ARG D 109 2.21 3.91 -2.92
CA ARG D 109 3.19 2.87 -3.20
C ARG D 109 4.59 3.44 -3.22
N GLU D 110 4.73 4.66 -3.73
CA GLU D 110 6.05 5.28 -3.84
C GLU D 110 6.63 5.59 -2.47
N VAL D 111 5.79 6.03 -1.53
CA VAL D 111 6.25 6.24 -0.16
C VAL D 111 6.50 4.91 0.54
N ALA D 112 5.63 3.92 0.30
CA ALA D 112 5.81 2.64 0.97
C ALA D 112 7.13 1.99 0.58
N GLU D 113 7.49 2.10 -0.71
CA GLU D 113 8.69 1.50 -1.23
C GLU D 113 9.96 2.31 -0.90
N GLN D 114 9.81 3.56 -0.47
CA GLN D 114 10.95 4.30 0.10
C GLN D 114 11.34 3.79 1.48
N GLY D 115 10.58 2.87 2.05
CA GLY D 115 10.73 2.50 3.44
C GLY D 115 9.96 3.35 4.41
N LYS D 116 9.11 4.26 3.93
CA LYS D 116 8.35 5.15 4.79
C LYS D 116 6.93 4.70 5.01
N HIS D 117 6.45 4.86 6.23
CA HIS D 117 5.04 4.72 6.51
C HIS D 117 4.32 6.00 6.07
N CYS D 118 3.32 5.88 5.19
CA CYS D 118 2.56 7.04 4.73
C CYS D 118 1.31 7.12 5.60
N ILE D 119 1.25 8.17 6.43
CA ILE D 119 0.11 8.39 7.30
C ILE D 119 -1.04 8.91 6.45
N LEU D 120 -2.19 8.26 6.58
CA LEU D 120 -3.33 8.59 5.72
C LEU D 120 -4.56 8.93 6.54
N ASP D 121 -5.17 10.07 6.22
CA ASP D 121 -6.46 10.49 6.76
C ASP D 121 -7.49 10.13 5.72
N VAL D 122 -7.95 8.88 5.75
CA VAL D 122 -8.90 8.41 4.76
C VAL D 122 -10.00 7.64 5.48
N SER D 123 -11.14 7.50 4.79
CA SER D 123 -12.25 6.72 5.30
C SER D 123 -11.86 5.23 5.34
N ALA D 124 -12.76 4.43 5.90
CA ALA D 124 -12.49 2.99 5.95
C ALA D 124 -12.69 2.33 4.59
N ASN D 125 -13.54 2.91 3.72
CA ASN D 125 -13.58 2.42 2.35
C ASN D 125 -12.21 2.56 1.67
N ALA D 126 -11.53 3.69 1.88
CA ALA D 126 -10.19 3.85 1.32
C ALA D 126 -9.23 2.79 1.86
N VAL D 127 -9.39 2.42 3.14
CA VAL D 127 -8.61 1.32 3.69
C VAL D 127 -8.87 0.04 2.90
N ARG D 128 -10.08 -0.11 2.39
CA ARG D 128 -10.45 -1.28 1.60
C ARG D 128 -9.75 -1.27 0.26
N ARG D 129 -9.61 -0.08 -0.32
CA ARG D 129 -8.94 0.08 -1.61
C ARG D 129 -7.46 -0.26 -1.48
N LEU D 130 -6.87 0.08 -0.34
CA LEU D 130 -5.46 -0.20 -0.10
C LEU D 130 -5.21 -1.71 -0.02
N GLN D 131 -6.17 -2.43 0.56
CA GLN D 131 -6.07 -3.88 0.68
C GLN D 131 -6.37 -4.56 -0.64
N ALA D 132 -7.40 -4.09 -1.36
CA ALA D 132 -7.72 -4.65 -2.66
C ALA D 132 -6.60 -4.43 -3.66
N ALA D 133 -5.76 -3.42 -3.44
CA ALA D 133 -4.61 -3.15 -4.28
C ALA D 133 -3.36 -3.80 -3.72
N HIS D 134 -3.47 -4.43 -2.55
CA HIS D 134 -2.42 -5.18 -1.85
C HIS D 134 -1.31 -4.30 -1.30
N LEU D 135 -1.58 -3.01 -1.06
CA LEU D 135 -0.56 -2.24 -0.37
C LEU D 135 -0.47 -2.57 1.11
N HIS D 136 -1.29 -3.50 1.61
CA HIS D 136 -1.27 -4.05 2.97
C HIS D 136 -1.12 -2.99 4.04
N PRO D 137 -2.12 -2.11 4.21
CA PRO D 137 -2.04 -1.10 5.25
C PRO D 137 -2.13 -1.68 6.64
N ILE D 138 -1.68 -0.88 7.62
CA ILE D 138 -1.96 -1.13 9.03
C ILE D 138 -3.16 -0.26 9.42
N ALA D 139 -4.29 -0.90 9.68
CA ALA D 139 -5.54 -0.24 9.99
C ALA D 139 -5.85 -0.39 11.47
N ILE D 140 -5.69 0.68 12.23
CA ILE D 140 -5.98 0.71 13.65
C ILE D 140 -7.28 1.47 13.85
N PHE D 141 -8.24 0.86 14.53
CA PHE D 141 -9.49 1.53 14.85
C PHE D 141 -9.57 1.76 16.36
N ILE D 142 -9.88 2.99 16.75
CA ILE D 142 -9.96 3.38 18.16
C ILE D 142 -11.42 3.34 18.59
N ARG D 143 -11.72 2.42 19.50
CA ARG D 143 -13.07 2.17 19.97
C ARG D 143 -13.37 3.05 21.17
N PRO D 144 -14.39 3.93 21.13
CA PRO D 144 -14.89 4.54 22.37
C PRO D 144 -15.41 3.45 23.30
N ARG D 145 -15.09 3.59 24.58
CA ARG D 145 -15.72 2.72 25.56
C ARG D 145 -17.09 3.21 25.95
N SER D 146 -17.34 4.51 25.79
CA SER D 146 -18.55 5.17 26.28
C SER D 146 -18.48 6.63 25.83
N LEU D 147 -19.63 7.30 25.91
CA LEU D 147 -19.68 8.73 25.58
C LEU D 147 -18.76 9.52 26.50
N GLU D 148 -18.75 9.18 27.79
CA GLU D 148 -17.83 9.80 28.73
C GLU D 148 -16.39 9.47 28.36
N ASN D 149 -16.19 8.33 27.70
CA ASN D 149 -14.84 7.93 27.33
C ASN D 149 -14.30 8.82 26.22
N VAL D 150 -15.15 9.14 25.24
CA VAL D 150 -14.81 10.12 24.21
C VAL D 150 -14.46 11.46 24.81
N LEU D 151 -15.14 11.85 25.88
CA LEU D 151 -14.89 13.16 26.47
C LEU D 151 -13.60 13.17 27.28
N GLU D 152 -13.22 12.02 27.85
CA GLU D 152 -11.97 11.94 28.61
C GLU D 152 -10.78 11.69 27.70
N ILE D 153 -10.97 11.05 26.56
CA ILE D 153 -9.86 10.83 25.62
C ILE D 153 -9.64 12.01 24.71
N ASN D 154 -10.55 12.97 24.71
CA ASN D 154 -10.41 14.17 23.90
C ASN D 154 -10.03 15.37 24.76
N LYS D 155 -8.96 16.05 24.38
CA LYS D 155 -8.49 17.20 25.15
C LYS D 155 -9.54 18.30 25.16
N ARG D 156 -10.14 18.56 24.00
CA ARG D 156 -11.24 19.52 23.92
C ARG D 156 -12.48 18.89 23.25
N ILE D 157 -13.64 19.03 23.88
CA ILE D 157 -14.87 18.48 23.30
C ILE D 157 -16.16 19.24 23.64
N THR D 158 -17.14 19.12 22.75
CA THR D 158 -18.50 19.60 22.97
C THR D 158 -19.39 18.38 22.78
N GLU D 159 -20.35 18.15 23.67
CA GLU D 159 -21.02 16.85 23.66
C GLU D 159 -21.49 16.51 22.25
N GLU D 160 -22.16 17.45 21.56
CA GLU D 160 -22.66 17.17 20.22
C GLU D 160 -21.53 16.72 19.31
N GLN D 161 -20.30 17.19 19.56
CA GLN D 161 -19.18 16.54 18.89
C GLN D 161 -18.91 15.17 19.48
N ALA D 162 -19.01 15.03 20.80
CA ALA D 162 -18.77 13.75 21.45
C ALA D 162 -19.85 12.74 21.09
N ARG D 163 -21.11 13.16 21.12
CA ARG D 163 -22.22 12.28 20.79
C ARG D 163 -22.18 11.85 19.34
N LYS D 164 -21.85 12.79 18.44
CA LYS D 164 -21.65 12.40 17.05
C LYS D 164 -20.41 11.50 16.92
N ALA D 165 -19.35 11.80 17.67
CA ALA D 165 -18.14 11.00 17.61
C ALA D 165 -18.37 9.60 18.16
N PHE D 166 -19.19 9.50 19.20
CA PHE D 166 -19.50 8.19 19.76
C PHE D 166 -20.31 7.39 18.75
N ASP D 167 -21.30 8.02 18.12
CA ASP D 167 -22.14 7.33 17.14
C ASP D 167 -21.49 7.16 15.78
N ARG D 168 -20.55 8.03 15.41
CA ARG D 168 -19.82 7.77 14.18
C ARG D 168 -18.87 6.59 14.34
N ALA D 169 -18.28 6.44 15.53
CA ALA D 169 -17.41 5.32 15.79
C ALA D 169 -18.19 4.02 15.98
N THR D 170 -19.38 4.12 16.60
CA THR D 170 -20.17 2.92 16.87
C THR D 170 -20.81 2.38 15.61
N LYS D 171 -21.33 3.27 14.77
CA LYS D 171 -21.78 2.87 13.44
C LYS D 171 -20.61 2.31 12.62
N LEU D 172 -19.43 2.92 12.75
CA LEU D 172 -18.36 2.53 11.86
C LEU D 172 -17.77 1.18 12.24
N GLU D 173 -17.86 0.80 13.52
CA GLU D 173 -17.38 -0.53 13.89
C GLU D 173 -18.31 -1.60 13.36
N GLN D 174 -19.62 -1.39 13.46
CA GLN D 174 -20.56 -2.39 12.97
C GLN D 174 -20.41 -2.62 11.47
N GLU D 175 -19.94 -1.63 10.71
CA GLU D 175 -19.81 -1.84 9.29
C GLU D 175 -18.43 -2.36 8.87
N PHE D 176 -17.35 -1.84 9.45
CA PHE D 176 -16.00 -2.09 8.94
C PHE D 176 -15.12 -2.85 9.91
N THR D 177 -15.72 -3.60 10.84
CA THR D 177 -14.93 -4.27 11.87
C THR D 177 -13.96 -5.27 11.25
N GLU D 178 -14.39 -5.97 10.20
CA GLU D 178 -13.60 -7.04 9.61
C GLU D 178 -12.47 -6.52 8.70
N CYS D 179 -12.24 -5.22 8.65
CA CYS D 179 -11.17 -4.69 7.82
C CYS D 179 -10.04 -4.07 8.64
N PHE D 180 -10.19 -3.98 9.96
CA PHE D 180 -9.16 -3.41 10.81
C PHE D 180 -8.07 -4.44 11.13
N SER D 181 -6.83 -3.96 11.16
CA SER D 181 -5.73 -4.78 11.67
C SER D 181 -5.79 -4.91 13.19
N ALA D 182 -6.34 -3.91 13.88
CA ALA D 182 -6.39 -3.91 15.33
C ALA D 182 -7.45 -2.94 15.79
N ILE D 183 -8.04 -3.21 16.96
CA ILE D 183 -8.89 -2.25 17.66
C ILE D 183 -8.32 -2.04 19.07
N VAL D 184 -8.14 -0.78 19.44
CA VAL D 184 -7.50 -0.46 20.71
C VAL D 184 -8.47 0.37 21.56
N GLU D 185 -8.28 0.30 22.88
CA GLU D 185 -9.07 1.08 23.83
C GLU D 185 -8.24 1.56 24.98
N GLY D 186 -8.78 2.55 25.68
CA GLY D 186 -8.16 3.10 26.85
C GLY D 186 -9.05 4.14 27.49
N ASP D 187 -8.96 4.27 28.82
CA ASP D 187 -9.65 5.33 29.52
C ASP D 187 -8.88 6.62 29.46
N SER D 188 -7.72 6.58 28.82
CA SER D 188 -6.86 7.72 28.69
C SER D 188 -6.33 7.72 27.27
N PHE D 189 -6.00 8.90 26.75
CA PHE D 189 -5.39 8.95 25.43
C PHE D 189 -4.00 8.33 25.46
N GLU D 190 -3.26 8.60 26.54
CA GLU D 190 -1.95 7.97 26.76
C GLU D 190 -2.01 6.46 26.51
N GLU D 191 -2.92 5.78 27.20
CA GLU D 191 -3.09 4.33 27.03
C GLU D 191 -3.44 3.97 25.59
N ILE D 192 -4.35 4.72 24.98
CA ILE D 192 -4.65 4.49 23.57
C ILE D 192 -3.40 4.66 22.72
N TYR D 193 -2.67 5.75 22.98
CA TYR D 193 -1.49 6.07 22.20
C TYR D 193 -0.43 4.97 22.32
N HIS D 194 -0.33 4.37 23.52
CA HIS D 194 0.66 3.32 23.75
C HIS D 194 0.34 2.06 22.94
N LYS D 195 -0.95 1.70 22.89
CA LYS D 195 -1.35 0.50 22.17
C LYS D 195 -1.23 0.70 20.67
N VAL D 196 -1.50 1.92 20.20
CA VAL D 196 -1.31 2.23 18.79
C VAL D 196 0.14 1.95 18.41
N LYS D 197 1.10 2.41 19.23
CA LYS D 197 2.50 2.13 18.92
C LYS D 197 2.83 0.65 19.00
N ARG D 198 2.18 -0.06 19.92
CA ARG D 198 2.37 -1.50 19.99
C ARG D 198 1.84 -2.19 18.73
N VAL D 199 0.68 -1.74 18.24
CA VAL D 199 0.16 -2.28 16.99
C VAL D 199 1.14 -2.04 15.86
N ILE D 200 1.64 -0.80 15.75
CA ILE D 200 2.59 -0.46 14.69
C ILE D 200 3.84 -1.32 14.80
N GLU D 201 4.30 -1.56 16.03
CA GLU D 201 5.53 -2.31 16.22
C GLU D 201 5.35 -3.79 15.94
N ASP D 202 4.17 -4.35 16.22
CA ASP D 202 3.95 -5.77 16.00
C ASP D 202 3.74 -6.09 14.54
N LEU D 203 3.23 -5.13 13.78
CA LEU D 203 2.83 -5.39 12.39
C LEU D 203 3.82 -4.79 11.41
N SER D 204 4.93 -4.27 11.91
CA SER D 204 6.02 -3.74 11.08
C SER D 204 7.14 -4.76 10.97
N GLY D 205 6.80 -5.93 10.42
CA GLY D 205 7.77 -6.99 10.24
C GLY D 205 9.10 -6.50 9.70
N HIS E 24 -24.40 24.36 45.22
CA HIS E 24 -25.78 23.87 45.15
C HIS E 24 -25.82 22.34 45.18
N TYR E 25 -25.94 21.77 46.37
CA TYR E 25 -25.88 20.32 46.57
C TYR E 25 -27.12 19.84 47.33
N ALA E 26 -27.76 18.80 46.80
CA ALA E 26 -28.91 18.18 47.43
C ALA E 26 -28.61 16.70 47.66
N ARG E 27 -28.90 16.23 48.85
CA ARG E 27 -28.44 14.92 49.27
C ARG E 27 -29.34 13.79 48.74
N PRO E 28 -28.73 12.69 48.29
CA PRO E 28 -29.53 11.56 47.79
C PRO E 28 -30.45 11.02 48.87
N ILE E 29 -31.59 10.48 48.44
CA ILE E 29 -32.57 9.93 49.36
C ILE E 29 -32.81 8.45 49.08
N ILE E 30 -32.92 7.66 50.15
CA ILE E 30 -33.14 6.23 50.01
C ILE E 30 -34.06 5.71 51.12
N ILE E 31 -35.36 5.69 50.84
CA ILE E 31 -36.34 5.19 51.80
C ILE E 31 -36.38 3.66 51.76
N LEU E 32 -36.47 3.05 52.93
CA LEU E 32 -36.46 1.59 53.02
C LEU E 32 -37.58 1.09 53.93
N GLY E 33 -38.03 -0.12 53.65
CA GLY E 33 -39.10 -0.74 54.40
C GLY E 33 -40.40 -0.67 53.65
N PRO E 34 -41.47 -1.21 54.25
CA PRO E 34 -42.80 -1.07 53.64
C PRO E 34 -43.15 0.40 53.53
N THR E 35 -44.06 0.73 52.60
CA THR E 35 -44.61 2.05 52.24
C THR E 35 -43.69 2.94 51.42
N LYS E 36 -42.48 2.51 51.10
CA LYS E 36 -41.48 3.34 50.44
C LYS E 36 -41.82 3.68 48.98
N ASP E 37 -42.24 2.68 48.21
CA ASP E 37 -42.62 2.90 46.82
C ASP E 37 -43.67 3.99 46.76
N ARG E 38 -44.67 3.90 47.63
CA ARG E 38 -45.72 4.90 47.73
C ARG E 38 -45.13 6.22 48.22
N ALA E 39 -44.23 6.13 49.18
CA ALA E 39 -43.57 7.30 49.72
C ALA E 39 -42.73 7.98 48.64
N ASN E 40 -41.96 7.18 47.91
CA ASN E 40 -41.15 7.69 46.81
C ASN E 40 -42.02 8.40 45.79
N ASP E 41 -43.08 7.73 45.33
CA ASP E 41 -43.93 8.31 44.30
C ASP E 41 -44.58 9.59 44.81
N ASP E 42 -45.02 9.59 46.09
CA ASP E 42 -45.76 10.73 46.63
C ASP E 42 -44.88 11.96 46.83
N LEU E 43 -43.61 11.78 47.21
CA LEU E 43 -42.76 12.96 47.35
C LEU E 43 -42.54 13.62 46.02
N LEU E 44 -42.09 12.85 45.04
CA LEU E 44 -41.91 13.38 43.70
C LEU E 44 -43.18 14.04 43.18
N SER E 45 -44.30 13.33 43.22
CA SER E 45 -45.55 13.91 42.75
C SER E 45 -45.99 15.12 43.57
N GLU E 46 -45.41 15.35 44.74
CA GLU E 46 -45.78 16.48 45.57
C GLU E 46 -44.82 17.65 45.37
N PHE E 47 -43.56 17.35 45.04
CA PHE E 47 -42.55 18.35 44.70
C PHE E 47 -41.96 18.04 43.34
N PRO E 48 -42.59 18.37 42.24
CA PRO E 48 -42.01 18.18 40.92
C PRO E 48 -40.62 18.74 40.82
N ASP E 49 -40.40 19.90 41.41
CA ASP E 49 -39.11 20.58 41.20
C ASP E 49 -37.93 20.01 42.00
N LYS E 50 -38.17 19.30 43.10
CA LYS E 50 -37.06 19.03 44.01
C LYS E 50 -36.40 17.67 43.81
N PHE E 51 -37.06 16.71 43.13
CA PHE E 51 -36.53 15.36 43.03
C PHE E 51 -36.21 14.98 41.59
N GLY E 52 -35.17 14.15 41.47
CA GLY E 52 -34.74 13.66 40.17
C GLY E 52 -34.36 12.18 40.22
N SER E 53 -34.02 11.66 39.04
CA SER E 53 -33.59 10.28 38.85
C SER E 53 -32.30 10.25 38.03
N CYS E 54 -31.42 9.33 38.39
CA CYS E 54 -30.20 9.10 37.63
C CYS E 54 -30.47 8.05 36.53
N VAL E 55 -29.54 7.96 35.59
CA VAL E 55 -29.65 7.03 34.46
C VAL E 55 -28.89 5.72 34.67
N PRO E 56 -29.56 4.56 34.24
CA PRO E 56 -28.78 3.32 34.46
C PRO E 56 -27.62 3.10 33.49
N HIS E 57 -26.66 2.26 33.89
CA HIS E 57 -25.49 1.93 33.09
C HIS E 57 -25.54 0.47 32.63
N THR E 58 -25.28 0.23 31.34
CA THR E 58 -25.30 -1.14 30.81
C THR E 58 -24.27 -1.38 29.70
N THR E 59 -23.86 -2.64 29.55
CA THR E 59 -22.94 -3.04 28.49
C THR E 59 -23.65 -3.54 27.26
N ARG E 60 -24.94 -3.88 27.36
CA ARG E 60 -25.68 -4.40 26.20
C ARG E 60 -25.74 -3.39 25.06
N PRO E 61 -25.62 -3.88 23.82
CA PRO E 61 -25.73 -3.02 22.64
C PRO E 61 -27.03 -2.20 22.62
N LYS E 62 -26.89 -0.92 22.29
CA LYS E 62 -28.04 -0.03 22.21
C LYS E 62 -28.90 -0.35 21.00
N ARG E 63 -30.21 -0.15 21.15
CA ARG E 63 -31.15 -0.39 20.06
C ARG E 63 -31.25 0.84 19.16
N GLU E 64 -31.91 0.69 18.02
CA GLU E 64 -32.05 1.79 17.08
C GLU E 64 -32.81 2.97 17.68
N TYR E 65 -33.78 2.67 18.53
CA TYR E 65 -34.62 3.71 19.12
C TYR E 65 -34.29 4.02 20.57
N GLU E 66 -33.37 3.29 21.19
CA GLU E 66 -33.15 3.52 22.61
C GLU E 66 -32.91 5.01 22.84
N ILE E 67 -32.14 5.33 23.88
CA ILE E 67 -31.58 6.66 24.04
C ILE E 67 -30.21 6.56 24.69
N ASP E 68 -29.33 7.51 24.39
CA ASP E 68 -28.01 7.50 25.01
C ASP E 68 -27.91 8.66 26.00
N GLY E 69 -27.60 8.32 27.24
CA GLY E 69 -27.55 9.29 28.32
C GLY E 69 -28.92 9.57 28.87
N ARG E 70 -29.93 8.89 28.33
CA ARG E 70 -31.29 9.02 28.85
C ARG E 70 -31.87 7.67 29.26
N ASP E 71 -32.14 6.81 28.29
CA ASP E 71 -32.66 5.47 28.56
C ASP E 71 -31.65 4.65 29.34
N TYR E 72 -30.39 4.74 28.93
CA TYR E 72 -29.32 3.97 29.55
C TYR E 72 -27.97 4.61 29.22
N HIS E 73 -26.98 4.38 30.07
CA HIS E 73 -25.63 4.80 29.75
C HIS E 73 -24.97 3.57 29.15
N PHE E 74 -24.56 3.67 27.89
CA PHE E 74 -24.10 2.50 27.15
C PHE E 74 -22.59 2.41 27.08
N VAL E 75 -22.03 1.41 27.74
CA VAL E 75 -20.60 1.18 27.70
C VAL E 75 -20.34 0.17 26.57
N SER E 76 -19.59 0.60 25.56
CA SER E 76 -19.34 -0.27 24.41
C SER E 76 -18.30 -1.33 24.74
N SER E 77 -17.40 -1.03 25.65
CA SER E 77 -16.32 -1.92 26.04
C SER E 77 -16.71 -2.55 27.37
N ARG E 78 -17.13 -3.82 27.32
CA ARG E 78 -17.56 -4.52 28.52
C ARG E 78 -16.45 -4.64 29.56
N GLU E 79 -15.22 -4.93 29.11
CA GLU E 79 -14.06 -5.03 29.98
C GLU E 79 -14.02 -3.87 30.98
N LYS E 80 -14.41 -2.69 30.50
CA LYS E 80 -14.37 -1.49 31.33
C LYS E 80 -15.38 -1.55 32.46
N MET E 81 -16.61 -1.98 32.18
CA MET E 81 -17.62 -1.94 33.23
C MET E 81 -17.39 -3.03 34.26
N GLU E 82 -16.86 -4.19 33.86
CA GLU E 82 -16.47 -5.19 34.87
C GLU E 82 -15.41 -4.64 35.80
N LYS E 83 -14.43 -3.92 35.26
CA LYS E 83 -13.40 -3.32 36.10
C LYS E 83 -14.00 -2.27 37.03
N ASP E 84 -14.95 -1.46 36.53
CA ASP E 84 -15.54 -0.42 37.38
C ASP E 84 -16.34 -1.00 38.52
N ILE E 85 -17.10 -2.08 38.28
CA ILE E 85 -17.84 -2.73 39.34
C ILE E 85 -16.91 -3.25 40.42
N GLN E 86 -15.87 -3.99 40.01
CA GLN E 86 -14.88 -4.46 40.96
C GLN E 86 -14.19 -3.29 41.67
N ALA E 87 -14.14 -2.13 41.04
CA ALA E 87 -13.47 -0.97 41.60
C ALA E 87 -14.38 -0.10 42.45
N HIS E 88 -15.58 -0.58 42.80
CA HIS E 88 -16.52 0.14 43.69
C HIS E 88 -17.06 1.44 43.09
N LYS E 89 -17.13 1.56 41.77
CA LYS E 89 -17.73 2.73 41.16
C LYS E 89 -19.21 2.58 40.88
N PHE E 90 -19.77 1.40 41.11
CA PHE E 90 -21.20 1.16 40.97
C PHE E 90 -21.80 0.85 42.33
N ILE E 91 -23.01 1.36 42.54
CA ILE E 91 -23.71 1.17 43.80
C ILE E 91 -24.49 -0.13 43.85
N GLU E 92 -24.76 -0.72 42.70
CA GLU E 92 -25.58 -1.91 42.59
C GLU E 92 -25.41 -2.38 41.15
N ALA E 93 -25.39 -3.69 40.97
CA ALA E 93 -25.14 -4.24 39.64
C ALA E 93 -25.65 -5.66 39.61
N GLY E 94 -25.92 -6.12 38.40
CA GLY E 94 -26.39 -7.47 38.18
C GLY E 94 -26.21 -7.76 36.70
N GLN E 95 -26.41 -9.03 36.36
CA GLN E 95 -26.25 -9.50 34.99
C GLN E 95 -27.53 -10.17 34.53
N TYR E 96 -27.97 -9.79 33.32
CA TYR E 96 -29.14 -10.36 32.69
C TYR E 96 -28.84 -10.53 31.20
N ASN E 97 -29.11 -11.71 30.67
CA ASN E 97 -28.72 -12.04 29.29
C ASN E 97 -27.30 -11.61 28.94
N SER E 98 -26.33 -11.95 29.78
CA SER E 98 -24.90 -11.73 29.52
C SER E 98 -24.51 -10.27 29.47
N HIS E 99 -25.37 -9.36 29.91
CA HIS E 99 -25.10 -7.94 29.85
C HIS E 99 -25.18 -7.35 31.24
N LEU E 100 -24.27 -6.43 31.54
CA LEU E 100 -24.21 -5.86 32.88
C LEU E 100 -25.12 -4.65 32.99
N TYR E 101 -25.69 -4.48 34.17
CA TYR E 101 -26.54 -3.33 34.47
C TYR E 101 -26.18 -2.82 35.87
N GLY E 102 -26.09 -1.50 36.03
CA GLY E 102 -25.73 -0.94 37.31
C GLY E 102 -25.98 0.53 37.37
N THR E 103 -26.05 1.04 38.59
CA THR E 103 -26.19 2.46 38.89
C THR E 103 -24.86 2.97 39.42
N SER E 104 -24.26 3.92 38.72
CA SER E 104 -22.93 4.41 39.06
C SER E 104 -22.96 5.37 40.25
N VAL E 105 -21.86 5.40 41.01
CA VAL E 105 -21.67 6.41 42.04
C VAL E 105 -21.73 7.80 41.44
N GLN E 106 -21.08 7.98 40.30
CA GLN E 106 -20.92 9.30 39.73
C GLN E 106 -22.25 9.83 39.21
N SER E 107 -23.12 8.93 38.71
CA SER E 107 -24.43 9.38 38.23
C SER E 107 -25.27 9.93 39.37
N VAL E 108 -25.19 9.32 40.57
CA VAL E 108 -25.88 9.88 41.72
C VAL E 108 -25.25 11.22 42.10
N ARG E 109 -23.92 11.32 42.00
CA ARG E 109 -23.29 12.61 42.22
C ARG E 109 -23.75 13.63 41.20
N GLU E 110 -23.96 13.21 39.94
CA GLU E 110 -24.28 14.19 38.91
C GLU E 110 -25.63 14.84 39.18
N VAL E 111 -26.61 14.06 39.64
CA VAL E 111 -27.91 14.65 39.95
C VAL E 111 -27.83 15.50 41.20
N ALA E 112 -27.12 15.01 42.22
CA ALA E 112 -27.04 15.72 43.49
C ALA E 112 -26.36 17.06 43.34
N GLU E 113 -25.32 17.14 42.53
CA GLU E 113 -24.63 18.41 42.43
C GLU E 113 -25.40 19.41 41.57
N GLN E 114 -26.37 18.96 40.79
CA GLN E 114 -27.32 19.85 40.12
C GLN E 114 -28.44 20.31 41.04
N GLY E 115 -28.31 20.09 42.35
CA GLY E 115 -29.26 20.59 43.32
C GLY E 115 -30.53 19.79 43.50
N LYS E 116 -30.67 18.65 42.82
CA LYS E 116 -31.87 17.84 42.93
C LYS E 116 -31.65 16.64 43.85
N HIS E 117 -32.65 16.32 44.66
CA HIS E 117 -32.63 15.11 45.47
C HIS E 117 -32.91 13.89 44.60
N CYS E 118 -32.02 12.89 44.69
CA CYS E 118 -32.10 11.69 43.88
C CYS E 118 -32.80 10.59 44.67
N ILE E 119 -34.03 10.27 44.29
CA ILE E 119 -34.74 9.17 44.93
C ILE E 119 -34.21 7.86 44.36
N LEU E 120 -33.80 6.95 45.25
CA LEU E 120 -33.13 5.72 44.87
C LEU E 120 -33.92 4.53 45.40
N ASP E 121 -34.17 3.56 44.53
CA ASP E 121 -34.73 2.26 44.91
C ASP E 121 -33.59 1.26 44.97
N VAL E 122 -32.86 1.28 46.08
CA VAL E 122 -31.68 0.44 46.21
C VAL E 122 -31.67 -0.24 47.57
N SER E 123 -30.86 -1.30 47.66
CA SER E 123 -30.68 -2.04 48.90
C SER E 123 -29.93 -1.18 49.92
N ALA E 124 -29.81 -1.72 51.13
CA ALA E 124 -29.08 -1.02 52.17
C ALA E 124 -27.57 -1.08 51.96
N ASN E 125 -27.03 -2.09 51.25
CA ASN E 125 -25.63 -2.02 50.87
C ASN E 125 -25.36 -0.75 50.09
N ALA E 126 -26.27 -0.42 49.17
CA ALA E 126 -26.14 0.76 48.35
C ALA E 126 -26.09 2.04 49.18
N VAL E 127 -26.85 2.08 50.28
CA VAL E 127 -26.80 3.22 51.19
C VAL E 127 -25.40 3.41 51.73
N ARG E 128 -24.74 2.31 52.09
CA ARG E 128 -23.40 2.39 52.68
C ARG E 128 -22.38 2.89 51.67
N ARG E 129 -22.57 2.56 50.39
CA ARG E 129 -21.48 2.85 49.45
C ARG E 129 -21.42 4.31 49.08
N LEU E 130 -22.56 5.00 49.12
CA LEU E 130 -22.54 6.44 48.90
C LEU E 130 -21.98 7.13 50.13
N GLN E 131 -22.14 6.52 51.31
CA GLN E 131 -21.47 7.03 52.49
C GLN E 131 -19.97 6.81 52.37
N ALA E 132 -19.56 5.65 51.83
CA ALA E 132 -18.14 5.42 51.60
C ALA E 132 -17.59 6.40 50.58
N ALA E 133 -18.44 6.90 49.69
CA ALA E 133 -18.04 7.90 48.71
C ALA E 133 -18.39 9.31 49.13
N HIS E 134 -18.94 9.47 50.35
CA HIS E 134 -19.27 10.75 50.96
C HIS E 134 -20.49 11.43 50.33
N LEU E 135 -21.30 10.70 49.57
CA LEU E 135 -22.50 11.34 49.05
C LEU E 135 -23.49 11.72 50.12
N HIS E 136 -23.19 11.40 51.37
CA HIS E 136 -23.98 11.79 52.54
C HIS E 136 -25.44 11.50 52.24
N PRO E 137 -25.83 10.23 52.09
CA PRO E 137 -27.23 9.94 51.76
C PRO E 137 -28.14 10.31 52.93
N ILE E 138 -29.40 10.51 52.58
CA ILE E 138 -30.47 10.52 53.57
C ILE E 138 -31.13 9.15 53.50
N ALA E 139 -30.88 8.32 54.51
CA ALA E 139 -31.40 6.95 54.58
C ALA E 139 -32.47 6.88 55.67
N ILE E 140 -33.73 6.83 55.23
CA ILE E 140 -34.88 6.77 56.12
C ILE E 140 -35.45 5.35 56.08
N PHE E 141 -35.61 4.75 57.25
CA PHE E 141 -36.16 3.41 57.41
C PHE E 141 -37.55 3.48 58.02
N ILE E 142 -38.50 2.81 57.38
CA ILE E 142 -39.87 2.78 57.87
C ILE E 142 -40.08 1.45 58.58
N ARG E 143 -40.19 1.52 59.91
CA ARG E 143 -40.30 0.36 60.77
C ARG E 143 -41.74 0.07 61.15
N PRO E 144 -42.23 -1.16 60.88
CA PRO E 144 -43.46 -1.64 61.53
C PRO E 144 -43.58 -1.24 63.01
N ARG E 145 -44.78 -0.85 63.42
CA ARG E 145 -45.18 -0.89 64.81
C ARG E 145 -45.35 -2.35 65.23
N SER E 146 -45.97 -3.11 64.33
CA SER E 146 -46.32 -4.51 64.54
C SER E 146 -46.59 -5.15 63.18
N LEU E 147 -46.71 -6.48 63.15
CA LEU E 147 -47.00 -7.16 61.89
C LEU E 147 -48.35 -6.69 61.37
N GLU E 148 -49.31 -6.54 62.27
CA GLU E 148 -50.59 -5.92 61.96
C GLU E 148 -50.39 -4.52 61.39
N ASN E 149 -49.36 -3.80 61.86
CA ASN E 149 -49.20 -2.41 61.44
C ASN E 149 -48.86 -2.32 59.95
N VAL E 150 -48.13 -3.29 59.42
CA VAL E 150 -47.89 -3.34 57.98
C VAL E 150 -49.21 -3.32 57.20
N LEU E 151 -50.23 -4.03 57.68
CA LEU E 151 -51.42 -4.11 56.86
C LEU E 151 -52.35 -2.89 56.96
N GLU E 152 -52.07 -1.90 57.80
CA GLU E 152 -52.86 -0.67 57.71
C GLU E 152 -52.05 0.54 57.26
N ILE E 153 -50.72 0.43 57.32
CA ILE E 153 -49.83 1.33 56.59
C ILE E 153 -50.04 1.14 55.09
N ASN E 154 -50.23 -0.11 54.67
CA ASN E 154 -50.34 -0.47 53.26
C ASN E 154 -51.74 -0.89 52.82
N LYS E 155 -52.24 -0.25 51.77
CA LYS E 155 -53.63 -0.43 51.35
C LYS E 155 -54.01 -1.83 50.86
N ARG E 156 -53.16 -2.42 50.01
CA ARG E 156 -53.45 -3.74 49.48
C ARG E 156 -52.29 -4.72 49.58
N ILE E 157 -52.53 -5.84 50.24
CA ILE E 157 -51.56 -6.93 50.26
C ILE E 157 -52.24 -8.23 50.70
N THR E 158 -51.62 -9.37 50.40
CA THR E 158 -52.03 -10.61 51.03
C THR E 158 -51.04 -11.00 52.14
N GLU E 159 -51.58 -11.61 53.19
CA GLU E 159 -50.84 -12.14 54.33
C GLU E 159 -49.51 -12.80 53.95
N GLU E 160 -49.51 -13.55 52.83
CA GLU E 160 -48.29 -14.24 52.42
C GLU E 160 -47.14 -13.27 52.21
N GLN E 161 -47.42 -12.12 51.58
CA GLN E 161 -46.41 -11.08 51.41
C GLN E 161 -46.25 -10.24 52.66
N ALA E 162 -47.34 -10.00 53.40
CA ALA E 162 -47.28 -9.20 54.61
C ALA E 162 -46.42 -9.86 55.68
N ARG E 163 -46.50 -11.19 55.81
CA ARG E 163 -45.64 -11.88 56.76
C ARG E 163 -44.17 -11.73 56.40
N LYS E 164 -43.85 -11.86 55.11
CA LYS E 164 -42.47 -11.68 54.67
C LYS E 164 -42.07 -10.21 54.76
N ALA E 165 -43.01 -9.30 54.46
CA ALA E 165 -42.69 -7.87 54.48
C ALA E 165 -42.37 -7.40 55.90
N PHE E 166 -43.10 -7.92 56.88
CA PHE E 166 -42.85 -7.55 58.27
C PHE E 166 -41.50 -8.07 58.73
N ASP E 167 -41.18 -9.30 58.35
CA ASP E 167 -39.90 -9.90 58.71
C ASP E 167 -38.77 -9.29 57.89
N ARG E 168 -39.09 -8.89 56.66
CA ARG E 168 -38.11 -8.25 55.79
C ARG E 168 -37.54 -7.01 56.45
N ALA E 169 -38.37 -6.33 57.25
CA ALA E 169 -37.93 -5.15 57.98
C ALA E 169 -37.05 -5.49 59.18
N THR E 170 -37.30 -6.62 59.84
CA THR E 170 -36.50 -6.99 61.00
C THR E 170 -35.12 -7.48 60.58
N LYS E 171 -35.03 -8.21 59.46
CA LYS E 171 -33.72 -8.53 58.93
C LYS E 171 -32.91 -7.28 58.67
N LEU E 172 -33.53 -6.29 58.06
CA LEU E 172 -32.86 -5.02 57.79
C LEU E 172 -32.48 -4.18 59.02
N GLU E 173 -33.39 -4.07 59.98
CA GLU E 173 -33.19 -3.15 61.10
C GLU E 173 -32.04 -3.46 62.06
N GLN E 174 -31.92 -4.72 62.46
CA GLN E 174 -30.85 -5.14 63.37
C GLN E 174 -29.49 -5.00 62.71
N GLU E 175 -29.48 -5.33 61.43
CA GLU E 175 -28.28 -5.47 60.62
C GLU E 175 -27.71 -4.11 60.23
N PHE E 176 -28.59 -3.22 59.77
CA PHE E 176 -28.23 -1.95 59.16
C PHE E 176 -28.63 -0.72 59.97
N THR E 177 -28.87 -0.90 61.26
CA THR E 177 -29.47 0.16 62.07
C THR E 177 -28.62 1.41 62.10
N GLU E 178 -27.31 1.25 62.17
CA GLU E 178 -26.39 2.39 62.20
C GLU E 178 -26.45 3.23 60.92
N CYS E 179 -26.56 2.57 59.77
CA CYS E 179 -26.51 3.25 58.48
C CYS E 179 -27.76 4.07 58.22
N PHE E 180 -28.77 3.99 59.08
CA PHE E 180 -29.98 4.79 58.88
C PHE E 180 -29.77 6.22 59.37
N SER E 181 -30.24 7.17 58.57
CA SER E 181 -30.28 8.56 59.01
C SER E 181 -31.38 8.78 60.03
N ALA E 182 -32.49 8.05 59.88
CA ALA E 182 -33.63 8.17 60.76
C ALA E 182 -34.47 6.92 60.58
N ILE E 183 -35.21 6.58 61.63
CA ILE E 183 -36.25 5.56 61.55
C ILE E 183 -37.60 6.16 61.94
N VAL E 184 -38.59 5.96 61.08
CA VAL E 184 -39.89 6.58 61.24
C VAL E 184 -40.93 5.49 61.43
N GLU E 185 -41.98 5.83 62.17
CA GLU E 185 -43.07 4.90 62.42
C GLU E 185 -44.37 5.69 62.48
N GLY E 186 -45.48 4.98 62.33
CA GLY E 186 -46.78 5.58 62.42
C GLY E 186 -47.84 4.53 62.24
N ASP E 187 -49.03 4.83 62.76
CA ASP E 187 -50.13 3.89 62.62
C ASP E 187 -50.86 4.00 61.29
N SER E 188 -50.56 5.03 60.48
CA SER E 188 -51.13 5.19 59.15
C SER E 188 -50.04 5.67 58.22
N PHE E 189 -50.23 5.43 56.92
CA PHE E 189 -49.26 5.99 55.97
C PHE E 189 -49.32 7.51 55.97
N GLU E 190 -50.45 8.10 56.38
CA GLU E 190 -50.53 9.55 56.51
C GLU E 190 -49.47 10.08 57.47
N GLU E 191 -49.34 9.45 58.64
CA GLU E 191 -48.35 9.87 59.62
C GLU E 191 -46.95 9.45 59.20
N ILE E 192 -46.82 8.23 58.65
CA ILE E 192 -45.53 7.75 58.16
C ILE E 192 -44.97 8.71 57.13
N TYR E 193 -45.81 9.08 56.16
CA TYR E 193 -45.41 9.98 55.10
C TYR E 193 -45.06 11.37 55.61
N HIS E 194 -45.79 11.85 56.63
CA HIS E 194 -45.49 13.17 57.15
C HIS E 194 -44.13 13.21 57.82
N LYS E 195 -43.75 12.12 58.49
CA LYS E 195 -42.44 12.07 59.13
C LYS E 195 -41.32 11.91 58.11
N VAL E 196 -41.57 11.18 57.02
CA VAL E 196 -40.53 11.00 56.01
C VAL E 196 -40.05 12.34 55.49
N LYS E 197 -40.97 13.25 55.17
CA LYS E 197 -40.61 14.59 54.74
C LYS E 197 -40.05 15.41 55.91
N ARG E 198 -40.48 15.12 57.13
CA ARG E 198 -39.94 15.81 58.29
C ARG E 198 -38.45 15.53 58.42
N VAL E 199 -38.05 14.28 58.21
CA VAL E 199 -36.63 13.92 58.25
C VAL E 199 -35.88 14.66 57.14
N ILE E 200 -36.41 14.63 55.92
CA ILE E 200 -35.80 15.34 54.81
C ILE E 200 -35.74 16.83 55.12
N GLU E 201 -36.77 17.34 55.81
CA GLU E 201 -36.84 18.76 56.13
C GLU E 201 -35.79 19.13 57.17
N ASP E 202 -35.43 18.19 58.04
CA ASP E 202 -34.41 18.43 59.07
C ASP E 202 -33.00 18.21 58.52
N LEU E 203 -32.84 17.37 57.49
CA LEU E 203 -31.52 16.94 57.04
C LEU E 203 -31.09 17.58 55.72
N SER E 204 -31.88 18.47 55.15
CA SER E 204 -31.51 19.12 53.90
C SER E 204 -31.01 20.55 54.12
N GLY E 205 -29.98 20.71 54.96
CA GLY E 205 -29.47 22.03 55.28
C GLY E 205 -28.90 22.80 54.10
N HIS F 24 -7.20 -42.66 43.49
CA HIS F 24 -8.49 -42.28 44.07
C HIS F 24 -8.62 -40.77 44.18
N TYR F 25 -8.16 -40.06 43.15
CA TYR F 25 -8.50 -38.65 42.98
C TYR F 25 -8.52 -38.37 41.49
N ALA F 26 -9.61 -37.76 41.01
CA ALA F 26 -9.76 -37.38 39.63
C ALA F 26 -10.00 -35.88 39.53
N ARG F 27 -9.32 -35.22 38.58
CA ARG F 27 -9.26 -33.77 38.49
C ARG F 27 -10.50 -33.24 37.76
N PRO F 28 -11.06 -32.12 38.20
CA PRO F 28 -12.18 -31.53 37.47
C PRO F 28 -11.75 -31.12 36.08
N ILE F 29 -12.69 -31.15 35.14
CA ILE F 29 -12.42 -30.83 33.75
C ILE F 29 -13.25 -29.62 33.36
N ILE F 30 -12.60 -28.60 32.81
CA ILE F 30 -13.29 -27.45 32.23
C ILE F 30 -12.77 -27.34 30.82
N ILE F 31 -13.66 -27.57 29.85
CA ILE F 31 -13.31 -27.45 28.44
C ILE F 31 -13.83 -26.10 27.99
N LEU F 32 -13.00 -25.35 27.26
CA LEU F 32 -13.35 -24.00 26.86
C LEU F 32 -13.15 -23.82 25.35
N GLY F 33 -13.88 -22.86 24.79
CA GLY F 33 -13.80 -22.55 23.38
C GLY F 33 -15.00 -23.11 22.63
N PRO F 34 -15.06 -22.87 21.32
CA PRO F 34 -16.14 -23.47 20.53
C PRO F 34 -16.08 -24.98 20.63
N THR F 35 -17.24 -25.62 20.53
CA THR F 35 -17.42 -27.07 20.61
C THR F 35 -17.27 -27.62 22.04
N LYS F 36 -17.19 -26.76 23.06
CA LYS F 36 -17.02 -27.25 24.44
C LYS F 36 -18.17 -28.17 24.83
N ASP F 37 -19.41 -27.76 24.51
CA ASP F 37 -20.57 -28.53 24.92
C ASP F 37 -20.54 -29.88 24.23
N ARG F 38 -20.06 -29.85 22.99
CA ARG F 38 -19.98 -31.02 22.16
C ARG F 38 -18.89 -31.98 22.65
N ALA F 39 -17.74 -31.43 23.03
CA ALA F 39 -16.69 -32.24 23.63
C ALA F 39 -17.15 -32.88 24.93
N ASN F 40 -17.79 -32.09 25.79
CA ASN F 40 -18.28 -32.59 27.07
C ASN F 40 -19.20 -33.78 26.89
N ASP F 41 -20.24 -33.64 26.06
CA ASP F 41 -21.22 -34.71 25.92
C ASP F 41 -20.56 -36.00 25.44
N ASP F 42 -19.60 -35.89 24.52
CA ASP F 42 -18.98 -37.12 24.02
C ASP F 42 -18.16 -37.79 25.11
N LEU F 43 -17.59 -37.01 26.04
CA LEU F 43 -16.84 -37.60 27.13
C LEU F 43 -17.77 -38.38 28.05
N LEU F 44 -18.87 -37.74 28.47
CA LEU F 44 -19.88 -38.46 29.23
C LEU F 44 -20.58 -39.53 28.38
N SER F 45 -20.50 -39.43 27.05
CA SER F 45 -21.08 -40.45 26.18
C SER F 45 -20.15 -41.63 25.97
N GLU F 46 -18.85 -41.45 26.20
CA GLU F 46 -17.87 -42.49 25.91
C GLU F 46 -17.32 -43.20 27.15
N PHE F 47 -17.19 -42.51 28.28
CA PHE F 47 -16.81 -43.13 29.56
C PHE F 47 -17.82 -42.74 30.61
N PRO F 48 -19.02 -43.32 30.61
CA PRO F 48 -20.03 -42.96 31.63
C PRO F 48 -19.55 -43.01 33.07
N ASP F 49 -18.83 -44.07 33.47
CA ASP F 49 -18.50 -44.23 34.89
C ASP F 49 -17.35 -43.37 35.38
N LYS F 50 -16.52 -42.79 34.50
CA LYS F 50 -15.39 -42.04 34.99
C LYS F 50 -15.67 -40.56 35.10
N PHE F 51 -16.76 -40.06 34.50
CA PHE F 51 -17.10 -38.65 34.59
C PHE F 51 -18.40 -38.51 35.38
N GLY F 52 -18.47 -37.47 36.20
CA GLY F 52 -19.65 -37.17 36.99
C GLY F 52 -19.90 -35.68 37.06
N SER F 53 -21.00 -35.33 37.72
CA SER F 53 -21.39 -33.95 37.91
C SER F 53 -21.74 -33.67 39.36
N CYS F 54 -21.40 -32.46 39.81
CA CYS F 54 -21.76 -32.00 41.14
C CYS F 54 -23.14 -31.35 41.11
N VAL F 55 -23.70 -31.17 42.29
CA VAL F 55 -25.06 -30.67 42.49
C VAL F 55 -24.98 -29.25 43.05
N PRO F 56 -25.71 -28.29 42.51
CA PRO F 56 -25.59 -26.89 42.95
C PRO F 56 -26.44 -26.58 44.18
N HIS F 57 -26.18 -25.39 44.73
CA HIS F 57 -26.93 -24.82 45.85
C HIS F 57 -27.90 -23.74 45.37
N THR F 58 -28.92 -23.52 46.18
CA THR F 58 -29.89 -22.45 45.99
C THR F 58 -30.46 -22.10 47.35
N THR F 59 -30.81 -20.82 47.53
CA THR F 59 -31.52 -20.40 48.74
C THR F 59 -33.02 -20.42 48.59
N ARG F 60 -33.50 -20.51 47.37
CA ARG F 60 -34.93 -20.52 47.12
C ARG F 60 -35.59 -21.78 47.70
N PRO F 61 -36.77 -21.64 48.33
CA PRO F 61 -37.40 -22.82 48.98
C PRO F 61 -37.66 -23.98 48.05
N LYS F 62 -37.40 -25.19 48.58
CA LYS F 62 -37.62 -26.42 47.81
C LYS F 62 -39.09 -26.61 47.49
N ARG F 63 -39.37 -27.14 46.32
CA ARG F 63 -40.74 -27.51 46.05
C ARG F 63 -41.02 -28.94 46.43
N GLU F 64 -42.32 -29.27 46.36
CA GLU F 64 -42.81 -30.51 46.94
C GLU F 64 -42.16 -31.73 46.30
N TYR F 65 -42.02 -31.73 44.97
CA TYR F 65 -41.49 -32.90 44.27
C TYR F 65 -40.01 -32.77 43.99
N GLU F 66 -39.38 -31.72 44.48
CA GLU F 66 -37.94 -31.67 44.43
C GLU F 66 -37.34 -32.44 45.61
N ILE F 67 -36.12 -32.92 45.41
CA ILE F 67 -35.40 -33.66 46.44
C ILE F 67 -34.07 -32.95 46.68
N ASP F 68 -33.83 -32.56 47.92
CA ASP F 68 -32.56 -31.95 48.27
C ASP F 68 -31.45 -32.98 48.14
N GLY F 69 -30.29 -32.53 47.66
CA GLY F 69 -29.18 -33.40 47.36
C GLY F 69 -29.26 -34.01 45.98
N ARG F 70 -30.46 -34.11 45.40
CA ARG F 70 -30.58 -34.48 43.99
C ARG F 70 -30.79 -33.25 43.12
N ASP F 71 -31.83 -32.47 43.39
CA ASP F 71 -32.10 -31.30 42.57
C ASP F 71 -31.18 -30.16 42.92
N TYR F 72 -31.06 -29.86 44.21
CA TYR F 72 -30.15 -28.85 44.72
C TYR F 72 -29.74 -29.25 46.12
N HIS F 73 -28.72 -28.60 46.62
CA HIS F 73 -28.53 -28.46 48.06
C HIS F 73 -29.27 -27.20 48.48
N PHE F 74 -30.37 -27.37 49.22
CA PHE F 74 -31.21 -26.24 49.58
C PHE F 74 -30.71 -25.61 50.86
N VAL F 75 -30.33 -24.33 50.77
CA VAL F 75 -29.93 -23.53 51.92
C VAL F 75 -31.12 -22.71 52.39
N SER F 76 -31.52 -22.92 53.64
CA SER F 76 -32.67 -22.23 54.21
C SER F 76 -32.35 -20.80 54.62
N SER F 77 -31.09 -20.52 54.97
CA SER F 77 -30.66 -19.18 55.37
C SER F 77 -29.93 -18.53 54.20
N ARG F 78 -30.59 -17.56 53.58
CA ARG F 78 -29.95 -16.81 52.52
C ARG F 78 -28.72 -16.07 53.01
N GLU F 79 -28.79 -15.52 54.23
CA GLU F 79 -27.61 -14.98 54.90
C GLU F 79 -26.45 -15.93 54.78
N LYS F 80 -26.73 -17.22 54.93
CA LYS F 80 -25.68 -18.24 54.98
C LYS F 80 -24.98 -18.37 53.63
N MET F 81 -25.71 -18.52 52.54
CA MET F 81 -25.00 -18.69 51.28
C MET F 81 -24.45 -17.35 50.76
N GLU F 82 -25.09 -16.21 51.08
CA GLU F 82 -24.52 -14.91 50.71
C GLU F 82 -23.17 -14.70 51.41
N LYS F 83 -23.07 -15.12 52.67
CA LYS F 83 -21.80 -15.02 53.39
C LYS F 83 -20.75 -15.94 52.79
N ASP F 84 -21.17 -17.12 52.32
CA ASP F 84 -20.24 -18.04 51.69
C ASP F 84 -19.74 -17.52 50.34
N ILE F 85 -20.59 -16.80 49.60
CA ILE F 85 -20.15 -16.19 48.34
C ILE F 85 -18.97 -15.25 48.61
N GLN F 86 -19.09 -14.42 49.64
CA GLN F 86 -18.03 -13.45 49.94
C GLN F 86 -16.79 -14.13 50.50
N ALA F 87 -16.90 -15.37 50.98
CA ALA F 87 -15.75 -16.13 51.46
C ALA F 87 -15.20 -17.07 50.39
N HIS F 88 -15.66 -16.94 49.14
CA HIS F 88 -15.09 -17.66 47.98
C HIS F 88 -15.19 -19.18 48.09
N LYS F 89 -16.35 -19.67 48.48
CA LYS F 89 -16.58 -21.10 48.43
C LYS F 89 -17.53 -21.48 47.31
N PHE F 90 -17.80 -20.53 46.42
CA PHE F 90 -18.40 -20.78 45.13
C PHE F 90 -17.44 -20.43 44.02
N ILE F 91 -17.42 -21.29 43.01
CA ILE F 91 -16.67 -21.03 41.79
C ILE F 91 -17.52 -20.29 40.79
N GLU F 92 -18.82 -20.16 41.05
CA GLU F 92 -19.82 -19.66 40.12
C GLU F 92 -21.06 -19.32 40.92
N ALA F 93 -21.68 -18.18 40.62
CA ALA F 93 -22.82 -17.73 41.42
C ALA F 93 -23.64 -16.70 40.65
N GLY F 94 -24.92 -16.62 40.99
CA GLY F 94 -25.85 -15.69 40.37
C GLY F 94 -27.13 -15.63 41.19
N GLN F 95 -27.99 -14.68 40.84
CA GLN F 95 -29.28 -14.54 41.51
C GLN F 95 -30.44 -14.61 40.51
N TYR F 96 -31.39 -15.49 40.78
CA TYR F 96 -32.60 -15.57 39.97
C TYR F 96 -33.85 -15.46 40.84
N ASN F 97 -34.75 -14.55 40.46
CA ASN F 97 -36.01 -14.38 41.18
C ASN F 97 -35.78 -14.08 42.66
N SER F 98 -34.75 -13.29 42.95
CA SER F 98 -34.44 -12.91 44.32
C SER F 98 -33.80 -14.07 45.08
N HIS F 99 -33.30 -15.06 44.34
CA HIS F 99 -32.71 -16.22 44.98
C HIS F 99 -31.34 -16.53 44.38
N LEU F 100 -30.43 -16.92 45.28
CA LEU F 100 -29.04 -17.18 44.93
C LEU F 100 -28.84 -18.61 44.46
N TYR F 101 -27.97 -18.78 43.47
CA TYR F 101 -27.63 -20.08 42.90
C TYR F 101 -26.13 -20.15 42.70
N GLY F 102 -25.55 -21.32 42.92
CA GLY F 102 -24.11 -21.45 42.73
C GLY F 102 -23.63 -22.89 42.81
N THR F 103 -22.41 -23.09 42.33
CA THR F 103 -21.67 -24.35 42.46
C THR F 103 -20.54 -24.17 43.46
N SER F 104 -20.59 -24.90 44.56
CA SER F 104 -19.59 -24.72 45.63
C SER F 104 -18.28 -25.43 45.33
N VAL F 105 -17.20 -24.89 45.89
CA VAL F 105 -15.89 -25.54 45.85
C VAL F 105 -15.98 -26.96 46.40
N GLN F 106 -16.75 -27.15 47.48
CA GLN F 106 -16.77 -28.44 48.15
C GLN F 106 -17.53 -29.49 47.32
N SER F 107 -18.55 -29.07 46.58
CA SER F 107 -19.28 -30.00 45.72
C SER F 107 -18.37 -30.56 44.61
N VAL F 108 -17.49 -29.73 44.07
CA VAL F 108 -16.52 -30.25 43.10
C VAL F 108 -15.53 -31.18 43.79
N ARG F 109 -15.05 -30.78 44.97
CA ARG F 109 -14.12 -31.64 45.68
C ARG F 109 -14.75 -32.97 46.05
N GLU F 110 -16.05 -32.98 46.36
CA GLU F 110 -16.71 -34.23 46.73
C GLU F 110 -16.83 -35.20 45.57
N VAL F 111 -17.12 -34.70 44.36
CA VAL F 111 -17.12 -35.60 43.21
C VAL F 111 -15.70 -36.04 42.88
N ALA F 112 -14.75 -35.11 42.99
CA ALA F 112 -13.37 -35.44 42.68
C ALA F 112 -12.80 -36.47 43.65
N GLU F 113 -13.14 -36.37 44.94
CA GLU F 113 -12.57 -37.32 45.89
C GLU F 113 -13.21 -38.70 45.81
N GLN F 114 -14.29 -38.87 45.04
CA GLN F 114 -14.90 -40.19 44.85
C GLN F 114 -14.40 -40.87 43.58
N GLY F 115 -13.44 -40.27 42.87
CA GLY F 115 -12.82 -40.87 41.71
C GLY F 115 -13.46 -40.51 40.39
N LYS F 116 -14.47 -39.64 40.38
CA LYS F 116 -15.13 -39.23 39.16
C LYS F 116 -14.54 -37.88 38.75
N HIS F 117 -14.27 -37.72 37.46
CA HIS F 117 -13.91 -36.41 36.93
C HIS F 117 -15.17 -35.57 36.80
N CYS F 118 -15.16 -34.36 37.38
CA CYS F 118 -16.33 -33.50 37.38
C CYS F 118 -16.22 -32.54 36.20
N ILE F 119 -17.02 -32.76 35.15
CA ILE F 119 -17.05 -31.88 34.00
C ILE F 119 -17.82 -30.62 34.35
N LEU F 120 -17.21 -29.47 34.09
CA LEU F 120 -17.76 -28.19 34.51
C LEU F 120 -17.97 -27.28 33.32
N ASP F 121 -19.17 -26.72 33.22
CA ASP F 121 -19.44 -25.66 32.26
C ASP F 121 -19.44 -24.35 33.04
N VAL F 122 -18.23 -23.82 33.24
CA VAL F 122 -18.03 -22.64 34.07
C VAL F 122 -17.12 -21.68 33.31
N SER F 123 -17.18 -20.41 33.71
CA SER F 123 -16.30 -19.43 33.08
C SER F 123 -14.86 -19.72 33.44
N ALA F 124 -13.95 -19.00 32.79
CA ALA F 124 -12.55 -19.20 33.10
C ALA F 124 -12.16 -18.56 34.44
N ASN F 125 -12.92 -17.56 34.92
CA ASN F 125 -12.74 -17.12 36.30
C ASN F 125 -12.92 -18.30 37.25
N ALA F 126 -13.92 -19.13 37.00
CA ALA F 126 -14.13 -20.30 37.84
C ALA F 126 -12.93 -21.23 37.81
N VAL F 127 -12.30 -21.38 36.64
CA VAL F 127 -11.10 -22.18 36.55
C VAL F 127 -10.00 -21.58 37.41
N ARG F 128 -9.90 -20.25 37.47
CA ARG F 128 -8.97 -19.61 38.39
C ARG F 128 -9.29 -19.99 39.83
N ARG F 129 -10.53 -20.43 40.08
CA ARG F 129 -10.93 -20.51 41.48
C ARG F 129 -10.73 -21.91 42.00
N LEU F 130 -10.76 -22.88 41.08
CA LEU F 130 -10.40 -24.24 41.39
C LEU F 130 -8.90 -24.36 41.53
N GLN F 131 -8.14 -23.52 40.82
CA GLN F 131 -6.69 -23.51 40.95
C GLN F 131 -6.24 -22.88 42.27
N ALA F 132 -6.90 -21.79 42.69
CA ALA F 132 -6.56 -21.15 43.96
C ALA F 132 -6.89 -22.01 45.16
N ALA F 133 -7.82 -22.96 45.02
CA ALA F 133 -8.23 -23.85 46.10
C ALA F 133 -7.54 -25.22 46.06
N HIS F 134 -6.55 -25.39 45.20
CA HIS F 134 -5.82 -26.65 45.04
C HIS F 134 -6.76 -27.84 44.87
N LEU F 135 -7.68 -27.70 43.93
CA LEU F 135 -8.35 -28.88 43.40
C LEU F 135 -7.81 -29.26 42.04
N HIS F 136 -6.82 -28.51 41.54
CA HIS F 136 -6.01 -28.79 40.36
C HIS F 136 -6.88 -29.17 39.18
N PRO F 137 -7.66 -28.24 38.64
CA PRO F 137 -8.49 -28.55 37.47
C PRO F 137 -7.63 -28.78 36.22
N ILE F 138 -8.21 -29.49 35.27
CA ILE F 138 -7.67 -29.60 33.92
C ILE F 138 -8.40 -28.58 33.05
N ALA F 139 -7.67 -27.54 32.63
CA ALA F 139 -8.26 -26.46 31.83
C ALA F 139 -7.79 -26.62 30.39
N ILE F 140 -8.67 -27.13 29.53
CA ILE F 140 -8.39 -27.29 28.12
C ILE F 140 -9.16 -26.22 27.36
N PHE F 141 -8.44 -25.44 26.57
CA PHE F 141 -9.03 -24.41 25.73
C PHE F 141 -8.87 -24.82 24.27
N ILE F 142 -9.96 -24.73 23.52
CA ILE F 142 -9.95 -25.09 22.11
C ILE F 142 -9.82 -23.82 21.29
N ARG F 143 -8.67 -23.66 20.65
CA ARG F 143 -8.41 -22.44 19.91
C ARG F 143 -8.74 -22.62 18.45
N PRO F 144 -9.68 -21.88 17.88
CA PRO F 144 -9.84 -21.85 16.44
C PRO F 144 -8.67 -21.19 15.75
N ARG F 145 -8.29 -21.73 14.60
CA ARG F 145 -7.29 -21.04 13.80
C ARG F 145 -7.88 -19.84 13.08
N SER F 146 -8.99 -20.04 12.38
CA SER F 146 -9.47 -19.06 11.42
C SER F 146 -10.82 -18.52 11.78
N LEU F 147 -11.19 -17.41 11.17
CA LEU F 147 -12.50 -16.81 11.37
C LEU F 147 -13.58 -17.78 10.91
N GLU F 148 -13.18 -18.72 10.06
CA GLU F 148 -14.09 -19.72 9.53
C GLU F 148 -13.89 -21.06 10.23
N ASN F 149 -12.72 -21.23 10.86
CA ASN F 149 -12.42 -22.45 11.59
C ASN F 149 -13.60 -22.86 12.47
N VAL F 150 -14.16 -21.90 13.19
CA VAL F 150 -15.34 -22.15 14.01
C VAL F 150 -16.33 -23.00 13.23
N LEU F 151 -16.39 -22.79 11.90
CA LEU F 151 -17.36 -23.45 11.05
C LEU F 151 -16.98 -24.89 10.66
N GLU F 152 -15.76 -25.32 10.99
CA GLU F 152 -15.33 -26.70 10.80
C GLU F 152 -15.58 -27.53 12.06
N ILE F 153 -15.06 -27.08 13.18
CA ILE F 153 -15.25 -27.77 14.45
C ILE F 153 -16.73 -27.79 14.81
N ASN F 154 -17.43 -26.71 14.45
CA ASN F 154 -18.86 -26.60 14.72
C ASN F 154 -19.68 -26.80 13.45
N LYS F 155 -20.16 -28.02 13.25
CA LYS F 155 -20.97 -28.33 12.07
C LYS F 155 -22.22 -27.46 12.03
N ARG F 156 -22.73 -27.06 13.19
CA ARG F 156 -23.89 -26.16 13.19
C ARG F 156 -23.49 -24.75 13.59
N ILE F 157 -23.62 -23.82 12.65
CA ILE F 157 -23.28 -22.43 12.90
C ILE F 157 -23.93 -21.45 11.92
N THR F 158 -23.99 -20.18 12.32
CA THR F 158 -24.35 -19.09 11.44
C THR F 158 -23.34 -17.98 11.69
N GLU F 159 -22.97 -17.22 10.66
CA GLU F 159 -21.93 -16.22 10.88
C GLU F 159 -21.94 -15.59 12.27
N GLU F 160 -23.08 -15.06 12.69
CA GLU F 160 -23.10 -14.31 13.95
C GLU F 160 -23.04 -15.19 15.17
N GLN F 161 -23.36 -16.47 15.01
CA GLN F 161 -22.97 -17.55 15.93
C GLN F 161 -21.46 -17.86 15.92
N ALA F 162 -20.90 -17.89 14.70
CA ALA F 162 -19.50 -18.20 14.45
C ALA F 162 -18.56 -17.08 14.89
N ARG F 163 -18.72 -15.88 14.30
CA ARG F 163 -17.67 -14.87 14.38
C ARG F 163 -17.53 -14.30 15.78
N LYS F 164 -18.64 -14.05 16.46
CA LYS F 164 -18.56 -13.63 17.86
C LYS F 164 -17.78 -14.65 18.66
N ALA F 165 -17.96 -15.94 18.35
CA ALA F 165 -17.24 -17.00 19.03
C ALA F 165 -15.75 -16.98 18.73
N PHE F 166 -15.37 -16.55 17.52
CA PHE F 166 -13.96 -16.60 17.12
C PHE F 166 -13.07 -15.67 17.93
N ASP F 167 -13.34 -14.36 17.89
CA ASP F 167 -12.45 -13.46 18.61
C ASP F 167 -12.72 -13.46 20.10
N ARG F 168 -13.84 -14.03 20.53
CA ARG F 168 -14.03 -14.31 21.95
C ARG F 168 -13.01 -15.34 22.40
N ALA F 169 -12.64 -16.27 21.51
CA ALA F 169 -11.57 -17.20 21.83
C ALA F 169 -10.23 -16.49 21.85
N THR F 170 -10.05 -15.48 20.99
CA THR F 170 -8.85 -14.68 21.00
C THR F 170 -8.83 -13.72 22.19
N LYS F 171 -10.01 -13.16 22.52
CA LYS F 171 -10.12 -12.36 23.74
C LYS F 171 -9.77 -13.17 24.97
N LEU F 172 -10.24 -14.41 25.04
CA LEU F 172 -10.00 -15.20 26.23
C LEU F 172 -8.58 -15.74 26.25
N GLU F 173 -8.03 -15.96 25.08
CA GLU F 173 -6.64 -16.33 24.97
C GLU F 173 -5.73 -15.13 25.24
N GLN F 174 -6.06 -13.99 24.64
CA GLN F 174 -5.36 -12.75 24.97
C GLN F 174 -5.21 -12.55 26.47
N GLU F 175 -6.02 -13.22 27.27
CA GLU F 175 -6.19 -12.86 28.66
C GLU F 175 -5.82 -13.96 29.64
N PHE F 176 -6.18 -15.24 29.38
CA PHE F 176 -6.02 -16.29 30.39
C PHE F 176 -5.13 -17.46 29.97
N THR F 177 -4.21 -17.30 29.00
CA THR F 177 -3.42 -18.48 28.65
C THR F 177 -2.55 -18.95 29.81
N GLU F 178 -2.25 -18.07 30.77
CA GLU F 178 -1.49 -18.47 31.95
C GLU F 178 -2.18 -19.61 32.69
N CYS F 179 -3.49 -19.74 32.56
CA CYS F 179 -4.28 -20.66 33.37
C CYS F 179 -4.73 -21.92 32.63
N PHE F 180 -4.48 -22.03 31.33
CA PHE F 180 -4.88 -23.24 30.61
C PHE F 180 -3.88 -24.36 30.86
N SER F 181 -4.41 -25.55 31.09
CA SER F 181 -3.57 -26.75 31.09
C SER F 181 -3.15 -27.12 29.68
N ALA F 182 -4.00 -26.83 28.71
CA ALA F 182 -3.73 -27.17 27.33
C ALA F 182 -4.59 -26.31 26.42
N ILE F 183 -4.08 -26.05 25.24
CA ILE F 183 -4.84 -25.45 24.16
C ILE F 183 -4.77 -26.40 22.97
N VAL F 184 -5.93 -26.76 22.45
CA VAL F 184 -6.01 -27.77 21.40
C VAL F 184 -6.61 -27.15 20.15
N GLU F 185 -6.25 -27.71 19.00
CA GLU F 185 -6.71 -27.19 17.72
C GLU F 185 -7.03 -28.34 16.80
N GLY F 186 -7.80 -28.03 15.75
CA GLY F 186 -8.16 -29.06 14.77
C GLY F 186 -8.93 -28.62 13.54
N ASP F 187 -8.69 -29.34 12.44
CA ASP F 187 -9.37 -29.12 11.17
C ASP F 187 -10.75 -29.74 11.15
N SER F 188 -10.91 -30.78 11.97
CA SER F 188 -12.15 -31.44 12.29
C SER F 188 -12.33 -31.36 13.80
N PHE F 189 -13.57 -31.47 14.25
CA PHE F 189 -13.77 -31.57 15.68
C PHE F 189 -13.19 -32.88 16.21
N GLU F 190 -13.35 -33.96 15.43
CA GLU F 190 -12.79 -35.26 15.78
C GLU F 190 -11.33 -35.16 16.17
N GLU F 191 -10.58 -34.35 15.44
CA GLU F 191 -9.19 -34.11 15.79
C GLU F 191 -9.09 -33.38 17.12
N ILE F 192 -9.91 -32.33 17.32
CA ILE F 192 -9.97 -31.66 18.62
C ILE F 192 -10.36 -32.65 19.71
N TYR F 193 -11.42 -33.41 19.47
CA TYR F 193 -11.85 -34.36 20.47
C TYR F 193 -10.77 -35.38 20.78
N HIS F 194 -9.97 -35.74 19.77
CA HIS F 194 -8.89 -36.68 20.02
C HIS F 194 -7.83 -36.03 20.90
N LYS F 195 -7.57 -34.72 20.70
CA LYS F 195 -6.58 -34.07 21.56
C LYS F 195 -7.12 -33.87 22.96
N VAL F 196 -8.40 -33.52 23.09
CA VAL F 196 -8.98 -33.36 24.42
C VAL F 196 -8.85 -34.67 25.20
N LYS F 197 -9.16 -35.80 24.57
CA LYS F 197 -9.04 -37.07 25.27
C LYS F 197 -7.58 -37.37 25.61
N ARG F 198 -6.64 -36.93 24.75
CA ARG F 198 -5.23 -37.10 25.06
C ARG F 198 -4.79 -36.20 26.21
N VAL F 199 -5.26 -34.95 26.25
CA VAL F 199 -4.88 -34.06 27.35
C VAL F 199 -5.28 -34.68 28.67
N ILE F 200 -6.53 -35.13 28.77
CA ILE F 200 -7.00 -35.77 29.99
C ILE F 200 -6.16 -37.01 30.29
N GLU F 201 -5.77 -37.72 29.23
CA GLU F 201 -5.00 -38.95 29.35
C GLU F 201 -3.58 -38.67 29.85
N ASP F 202 -3.05 -37.49 29.55
CA ASP F 202 -1.73 -37.12 30.02
C ASP F 202 -1.78 -36.61 31.46
N LEU F 203 -2.91 -36.07 31.89
CA LEU F 203 -3.00 -35.37 33.17
C LEU F 203 -3.81 -36.13 34.23
N SER F 204 -4.16 -37.39 33.99
CA SER F 204 -4.89 -38.19 34.98
C SER F 204 -3.96 -39.13 35.75
N GLY F 205 -2.95 -38.53 36.38
CA GLY F 205 -1.96 -39.29 37.11
C GLY F 205 -2.50 -40.07 38.29
N ARG G 2 3.95 -8.72 -4.02
CA ARG G 2 4.94 -9.52 -3.31
C ARG G 2 4.55 -9.43 -1.85
N ILE G 3 5.14 -10.26 -0.99
CA ILE G 3 4.76 -10.23 0.42
C ILE G 3 5.13 -8.87 1.00
N ARG G 4 4.12 -8.18 1.53
CA ARG G 4 4.32 -6.82 2.03
C ARG G 4 4.86 -6.84 3.45
N ARG G 5 5.71 -7.82 3.75
CA ARG G 5 6.35 -7.91 5.06
C ARG G 5 7.86 -8.12 4.90
N ASP G 6 8.64 -7.28 5.55
CA ASP G 6 10.08 -7.31 5.41
C ASP G 6 10.67 -8.65 5.83
N GLU G 7 10.13 -9.20 6.91
CA GLU G 7 10.61 -10.45 7.47
C GLU G 7 10.60 -11.57 6.43
N TYR G 8 9.49 -11.69 5.72
CA TYR G 8 9.37 -12.72 4.69
C TYR G 8 10.38 -12.50 3.55
N LEU G 9 10.54 -11.25 3.14
CA LEU G 9 11.46 -10.93 2.05
C LEU G 9 12.91 -11.25 2.44
N ALA G 11 13.78 -13.41 4.63
CA ALA G 11 13.87 -14.86 4.75
C ALA G 11 14.14 -15.54 3.41
N ILE G 12 13.55 -15.01 2.34
CA ILE G 12 13.71 -15.60 1.02
C ILE G 12 15.03 -15.17 0.40
N GLN G 13 15.69 -14.20 1.02
CA GLN G 13 16.96 -13.69 0.54
C GLN G 13 18.13 -14.41 1.22
N ARG H 2 38.68 0.41 -36.97
CA ARG H 2 38.13 -0.49 -37.98
C ARG H 2 37.56 -1.75 -37.34
N ILE H 3 36.46 -2.22 -37.90
CA ILE H 3 35.81 -3.43 -37.38
C ILE H 3 36.70 -4.66 -37.56
N ARG H 4 36.69 -5.54 -36.57
CA ARG H 4 37.49 -6.76 -36.62
C ARG H 4 36.65 -7.96 -37.01
N ARG H 5 35.37 -8.33 -36.74
CA ARG H 5 34.44 -9.46 -36.76
C ARG H 5 34.18 -9.97 -38.18
N ASP H 6 34.41 -11.26 -38.38
CA ASP H 6 34.19 -11.88 -39.69
C ASP H 6 32.71 -12.11 -39.92
N GLU H 7 32.00 -12.49 -38.86
CA GLU H 7 30.57 -12.73 -38.94
C GLU H 7 29.86 -11.53 -39.54
N TYR H 8 30.23 -10.34 -39.08
CA TYR H 8 29.63 -9.11 -39.56
C TYR H 8 29.98 -8.85 -41.03
N LEU H 9 31.23 -9.13 -41.38
CA LEU H 9 31.71 -8.93 -42.75
C LEU H 9 31.05 -9.89 -43.72
N ALA H 11 28.50 -11.19 -43.47
CA ALA H 11 27.12 -10.73 -43.54
C ALA H 11 26.92 -9.60 -44.54
N ILE H 12 27.74 -8.56 -44.40
CA ILE H 12 27.69 -7.41 -45.30
C ILE H 12 27.99 -7.84 -46.73
N GLN H 13 29.13 -8.52 -46.90
CA GLN H 13 29.52 -9.03 -48.21
C GLN H 13 28.53 -10.06 -48.73
N ARG I 2 21.77 19.93 -34.27
CA ARG I 2 23.04 20.49 -33.80
C ARG I 2 23.99 20.73 -34.97
N ILE I 3 24.70 21.84 -34.92
CA ILE I 3 25.68 22.16 -35.95
C ILE I 3 26.94 21.33 -35.76
N ARG I 4 27.34 20.63 -36.83
CA ARG I 4 28.48 19.72 -36.77
C ARG I 4 29.80 20.46 -36.96
N ARG I 5 30.03 21.47 -36.13
CA ARG I 5 31.26 22.25 -36.19
C ARG I 5 31.54 22.92 -34.85
N ASP I 6 32.44 22.32 -34.07
CA ASP I 6 32.80 22.83 -32.76
C ASP I 6 32.97 24.34 -32.78
N GLU I 7 33.60 24.84 -33.84
CA GLU I 7 33.84 26.28 -33.98
C GLU I 7 32.55 27.07 -33.87
N TYR I 8 31.48 26.56 -34.47
CA TYR I 8 30.18 27.22 -34.43
C TYR I 8 29.52 27.05 -33.07
N LEU I 9 29.78 25.91 -32.43
CA LEU I 9 29.22 25.62 -31.11
C LEU I 9 29.89 26.47 -30.05
N ALA I 11 31.44 29.38 -30.70
CA ALA I 11 31.03 30.76 -31.01
C ALA I 11 29.73 31.10 -30.30
N ILE I 12 28.81 30.13 -30.25
CA ILE I 12 27.52 30.35 -29.62
C ILE I 12 27.64 30.34 -28.09
N GLN I 13 28.47 29.44 -27.57
CA GLN I 13 28.70 29.35 -26.13
C GLN I 13 29.33 30.63 -25.59
N ARG J 2 1.53 14.47 6.35
CA ARG J 2 0.08 14.47 6.21
C ARG J 2 -0.39 15.58 5.27
N ILE J 3 -1.57 15.40 4.70
CA ILE J 3 -2.15 16.38 3.79
C ILE J 3 -3.07 17.34 4.53
N ARG J 4 -2.76 18.64 4.45
CA ARG J 4 -3.55 19.65 5.15
C ARG J 4 -3.87 20.82 4.23
N ARG J 5 -3.63 20.65 2.93
CA ARG J 5 -3.94 21.68 1.96
C ARG J 5 -5.45 21.83 1.83
N ASP J 6 -5.97 22.97 2.30
CA ASP J 6 -7.40 23.23 2.29
C ASP J 6 -8.06 22.81 0.97
N GLU J 7 -7.51 23.28 -0.14
CA GLU J 7 -8.04 22.95 -1.45
C GLU J 7 -8.36 21.46 -1.56
N TYR J 8 -7.40 20.64 -1.16
CA TYR J 8 -7.57 19.19 -1.21
C TYR J 8 -8.60 18.71 -0.20
N LEU J 9 -8.58 19.30 1.00
CA LEU J 9 -9.50 18.92 2.06
C LEU J 9 -10.92 19.37 1.74
N ALA J 11 -12.12 19.46 -1.06
CA ALA J 11 -12.58 18.65 -2.19
C ALA J 11 -12.92 17.23 -1.76
N ILE J 12 -12.03 16.59 -1.02
CA ILE J 12 -12.29 15.25 -0.52
C ILE J 12 -13.61 15.20 0.24
N GLN J 13 -13.74 16.06 1.25
CA GLN J 13 -14.96 16.12 2.05
C GLN J 13 -16.15 16.56 1.19
N ARG K 2 -38.90 4.24 41.38
CA ARG K 2 -38.37 2.96 40.91
C ARG K 2 -37.82 3.13 39.50
N ILE K 3 -36.73 2.45 39.23
CA ILE K 3 -36.12 2.48 37.90
C ILE K 3 -36.84 1.44 37.05
N ARG K 4 -37.46 1.88 35.96
CA ARG K 4 -38.49 1.09 35.28
C ARG K 4 -37.98 0.60 33.93
N ARG K 5 -37.01 -0.31 34.01
CA ARG K 5 -36.52 -1.07 32.88
C ARG K 5 -36.45 -2.52 33.35
N ASP K 6 -37.19 -3.40 32.70
CA ASP K 6 -37.32 -4.77 33.17
C ASP K 6 -35.99 -5.50 33.20
N GLU K 7 -35.17 -5.28 32.16
CA GLU K 7 -33.89 -5.95 32.09
C GLU K 7 -33.00 -5.54 33.27
N TYR K 8 -33.02 -4.25 33.60
CA TYR K 8 -32.26 -3.76 34.73
C TYR K 8 -32.77 -4.34 36.05
N LEU K 9 -34.09 -4.39 36.20
CA LEU K 9 -34.71 -4.95 37.40
C LEU K 9 -34.41 -6.43 37.54
N ALA K 11 -31.90 -7.93 36.25
CA ALA K 11 -30.47 -8.06 36.47
C ALA K 11 -30.09 -7.87 37.94
N ILE K 12 -30.73 -6.91 38.61
CA ILE K 12 -30.41 -6.62 40.00
C ILE K 12 -30.87 -7.77 40.89
N GLN K 13 -32.10 -8.23 40.66
CA GLN K 13 -32.65 -9.34 41.42
C GLN K 13 -31.85 -10.63 41.20
N ARG L 2 -23.27 -29.78 32.69
CA ARG L 2 -23.70 -28.61 31.94
C ARG L 2 -25.04 -28.31 32.49
N ILE L 3 -25.04 -27.57 33.59
CA ILE L 3 -26.20 -27.44 34.47
C ILE L 3 -27.53 -27.48 33.69
N ARG L 4 -28.35 -28.51 33.93
CA ARG L 4 -29.56 -28.76 33.11
C ARG L 4 -30.78 -28.11 33.78
N ARG L 5 -30.58 -26.82 34.10
CA ARG L 5 -31.41 -26.10 35.07
C ARG L 5 -31.55 -24.67 34.61
N ASP L 6 -32.54 -24.35 33.78
CA ASP L 6 -32.67 -22.98 33.32
C ASP L 6 -32.58 -21.99 34.47
N GLU L 7 -33.18 -22.34 35.61
CA GLU L 7 -33.13 -21.50 36.80
C GLU L 7 -31.70 -21.06 37.09
N TYR L 8 -30.78 -22.01 37.06
CA TYR L 8 -29.37 -21.74 37.30
C TYR L 8 -28.79 -20.82 36.24
N LEU L 9 -28.84 -21.28 34.99
CA LEU L 9 -28.30 -20.51 33.87
C LEU L 9 -28.69 -19.04 33.96
N ALA L 11 -29.38 -17.48 36.11
CA ALA L 11 -28.75 -16.91 37.29
C ALA L 11 -27.30 -16.50 37.01
N ILE L 12 -26.45 -17.48 36.73
CA ILE L 12 -25.07 -17.19 36.40
C ILE L 12 -25.03 -16.16 35.27
N GLN L 13 -25.88 -16.37 34.26
CA GLN L 13 -25.98 -15.44 33.15
C GLN L 13 -26.47 -14.07 33.60
#